data_9Y0I
#
_entry.id   9Y0I
#
_cell.length_a   51.199
_cell.length_b   93.237
_cell.length_c   60.890
_cell.angle_alpha   90.000
_cell.angle_beta   98.369
_cell.angle_gamma   90.000
#
_symmetry.space_group_name_H-M   'P 1 21 1'
#
_entity_poly.entity_id   1
_entity_poly.type   'polypeptide(L)'
_entity_poly.pdbx_seq_one_letter_code
;EVIERARRLLRELADLAEERGDEGVAAAAREVERLVAERGDRELAAVVAALAAAALLALERGDEVLARLAAAAAVLVAKR
ERGKVAKAVAELARLARLALERGDEETARLVAEVALLVASKGDDELAEKVAELAREARDALEAGDRERAREAAEEALRVA
REAE
;
_entity_poly.pdbx_strand_id   A,B,C,D
#
# COMPACT_ATOMS: atom_id res chain seq x y z
N GLU A 1 -24.85 -18.58 12.52
CA GLU A 1 -24.96 -17.69 11.37
C GLU A 1 -23.54 -17.45 10.88
N VAL A 2 -22.64 -17.48 11.85
CA VAL A 2 -21.20 -17.49 11.70
C VAL A 2 -20.74 -18.13 10.39
N ILE A 3 -21.30 -19.30 10.07
CA ILE A 3 -20.88 -20.02 8.86
C ILE A 3 -21.17 -19.19 7.62
N GLU A 4 -22.37 -18.62 7.54
CA GLU A 4 -22.68 -17.74 6.41
C GLU A 4 -21.89 -16.43 6.51
N ARG A 5 -21.65 -15.96 7.74
CA ARG A 5 -20.81 -14.78 7.94
C ARG A 5 -19.42 -15.00 7.35
N ALA A 6 -18.82 -16.16 7.66
CA ALA A 6 -17.52 -16.50 7.09
C ALA A 6 -17.61 -16.59 5.58
N ARG A 7 -18.56 -17.38 5.07
CA ARG A 7 -18.66 -17.57 3.62
C ARG A 7 -18.86 -16.25 2.89
N ARG A 8 -19.59 -15.31 3.48
CA ARG A 8 -19.74 -14.03 2.81
C ARG A 8 -18.41 -13.30 2.72
N LEU A 9 -17.62 -13.36 3.79
CA LEU A 9 -16.32 -12.71 3.79
C LEU A 9 -15.39 -13.37 2.77
N LEU A 10 -15.48 -14.69 2.61
CA LEU A 10 -14.64 -15.36 1.61
C LEU A 10 -15.03 -14.97 0.20
N ARG A 11 -16.33 -14.75 -0.07
CA ARG A 11 -16.72 -14.39 -1.42
C ARG A 11 -16.29 -12.98 -1.79
N GLU A 12 -16.43 -12.01 -0.88
CA GLU A 12 -15.94 -10.67 -1.17
C GLU A 12 -14.42 -10.67 -1.31
N LEU A 13 -13.74 -11.45 -0.48
CA LEU A 13 -12.29 -11.58 -0.62
C LEU A 13 -11.91 -12.12 -1.99
N ALA A 14 -12.65 -13.13 -2.47
CA ALA A 14 -12.41 -13.66 -3.80
C ALA A 14 -12.69 -12.60 -4.87
N ASP A 15 -13.76 -11.84 -4.70
CA ASP A 15 -14.12 -10.80 -5.65
C ASP A 15 -13.04 -9.72 -5.74
N LEU A 16 -12.71 -9.11 -4.60
CA LEU A 16 -11.73 -8.03 -4.58
C LEU A 16 -10.36 -8.50 -5.06
N ALA A 17 -9.95 -9.70 -4.67
CA ALA A 17 -8.68 -10.24 -5.15
C ALA A 17 -8.71 -10.46 -6.65
N GLU A 18 -9.84 -10.94 -7.18
CA GLU A 18 -9.96 -11.13 -8.61
C GLU A 18 -9.83 -9.79 -9.33
N GLU A 19 -10.43 -8.75 -8.75
CA GLU A 19 -10.37 -7.40 -9.30
C GLU A 19 -8.96 -6.83 -9.25
N ARG A 20 -8.19 -7.18 -8.22
CA ARG A 20 -6.81 -6.70 -8.10
C ARG A 20 -5.82 -7.53 -8.90
N GLY A 21 -6.26 -8.63 -9.49
CA GLY A 21 -5.36 -9.49 -10.24
C GLY A 21 -4.62 -10.51 -9.40
N ASP A 22 -4.94 -10.61 -8.11
CA ASP A 22 -4.29 -11.59 -7.23
C ASP A 22 -5.13 -12.88 -7.23
N GLU A 23 -5.10 -13.56 -8.38
CA GLU A 23 -5.83 -14.81 -8.55
C GLU A 23 -5.38 -15.87 -7.56
N GLY A 24 -4.15 -15.77 -7.05
CA GLY A 24 -3.72 -16.69 -6.01
C GLY A 24 -4.61 -16.60 -4.78
N VAL A 25 -4.91 -15.37 -4.37
CA VAL A 25 -5.73 -15.16 -3.18
C VAL A 25 -7.19 -15.50 -3.46
N ALA A 26 -7.68 -15.17 -4.66
CA ALA A 26 -9.06 -15.49 -5.01
C ALA A 26 -9.29 -16.99 -5.00
N ALA A 27 -8.37 -17.75 -5.59
CA ALA A 27 -8.48 -19.20 -5.59
C ALA A 27 -8.52 -19.74 -4.17
N ALA A 28 -7.67 -19.21 -3.29
CA ALA A 28 -7.66 -19.66 -1.90
C ALA A 28 -9.00 -19.38 -1.24
N ALA A 29 -9.53 -18.17 -1.41
CA ALA A 29 -10.82 -17.82 -0.82
C ALA A 29 -11.91 -18.78 -1.24
N ARG A 30 -11.91 -19.16 -2.53
CA ARG A 30 -12.94 -20.07 -3.02
C ARG A 30 -12.76 -21.47 -2.45
N GLU A 31 -11.51 -21.92 -2.28
CA GLU A 31 -11.28 -23.23 -1.68
C GLU A 31 -11.65 -23.21 -0.21
N VAL A 32 -11.25 -22.17 0.51
CA VAL A 32 -11.56 -22.07 1.93
C VAL A 32 -13.06 -22.04 2.14
N GLU A 33 -13.77 -21.24 1.33
CA GLU A 33 -15.23 -21.17 1.46
C GLU A 33 -15.88 -22.52 1.27
N ARG A 34 -15.38 -23.31 0.30
CA ARG A 34 -15.94 -24.66 0.13
C ARG A 34 -15.70 -25.50 1.36
N LEU A 35 -14.48 -25.43 1.91
CA LEU A 35 -14.19 -26.17 3.15
C LEU A 35 -15.10 -25.72 4.30
N VAL A 36 -15.27 -24.41 4.47
CA VAL A 36 -16.12 -23.91 5.55
C VAL A 36 -17.53 -24.46 5.40
N ALA A 37 -18.04 -24.52 4.17
CA ALA A 37 -19.40 -25.02 3.96
C ALA A 37 -19.46 -26.52 4.24
N GLU A 38 -18.52 -27.28 3.68
CA GLU A 38 -18.56 -28.73 3.83
C GLU A 38 -18.32 -29.14 5.29
N ARG A 39 -17.41 -28.45 5.98
CA ARG A 39 -17.16 -28.81 7.38
C ARG A 39 -18.33 -28.43 8.26
N GLY A 40 -19.00 -27.32 7.95
CA GLY A 40 -20.12 -26.84 8.74
C GLY A 40 -19.75 -26.69 10.20
N ASP A 41 -18.60 -26.11 10.48
CA ASP A 41 -18.07 -26.03 11.83
C ASP A 41 -18.10 -24.57 12.27
N ARG A 42 -18.88 -24.29 13.31
CA ARG A 42 -19.02 -22.92 13.79
C ARG A 42 -17.68 -22.33 14.19
N GLU A 43 -16.90 -23.06 14.99
CA GLU A 43 -15.64 -22.52 15.48
C GLU A 43 -14.66 -22.25 14.34
N LEU A 44 -14.52 -23.21 13.41
CA LEU A 44 -13.69 -22.97 12.23
C LEU A 44 -14.20 -21.75 11.47
N ALA A 45 -15.52 -21.60 11.36
CA ALA A 45 -16.07 -20.46 10.64
C ALA A 45 -15.71 -19.14 11.31
N ALA A 46 -15.77 -19.09 12.64
CA ALA A 46 -15.43 -17.86 13.36
C ALA A 46 -13.99 -17.44 13.09
N VAL A 47 -13.04 -18.36 13.25
CA VAL A 47 -11.63 -17.99 13.09
C VAL A 47 -11.34 -17.65 11.64
N VAL A 48 -11.85 -18.46 10.69
CA VAL A 48 -11.65 -18.17 9.28
C VAL A 48 -12.25 -16.81 8.93
N ALA A 49 -13.38 -16.47 9.56
CA ALA A 49 -13.96 -15.14 9.36
C ALA A 49 -12.97 -14.05 9.77
N ALA A 50 -12.30 -14.25 10.91
CA ALA A 50 -11.30 -13.29 11.37
C ALA A 50 -10.19 -13.11 10.33
N LEU A 51 -9.59 -14.21 9.87
CA LEU A 51 -8.54 -14.11 8.86
C LEU A 51 -9.03 -13.47 7.57
N ALA A 52 -10.22 -13.88 7.11
CA ALA A 52 -10.74 -13.32 5.86
C ALA A 52 -10.95 -11.82 5.98
N ALA A 53 -11.43 -11.36 7.14
CA ALA A 53 -11.55 -9.92 7.36
C ALA A 53 -10.19 -9.25 7.35
N ALA A 54 -9.21 -9.86 8.01
CA ALA A 54 -7.84 -9.33 7.98
C ALA A 54 -7.32 -9.19 6.56
N ALA A 55 -7.43 -10.27 5.77
CA ALA A 55 -6.98 -10.23 4.39
C ALA A 55 -7.73 -9.17 3.60
N LEU A 56 -9.04 -9.11 3.79
CA LEU A 56 -9.85 -8.15 3.05
C LEU A 56 -9.47 -6.71 3.39
N LEU A 57 -9.25 -6.44 4.68
CA LEU A 57 -8.79 -5.10 5.07
C LEU A 57 -7.39 -4.82 4.53
N ALA A 58 -6.53 -5.85 4.50
CA ALA A 58 -5.19 -5.67 3.98
C ALA A 58 -5.22 -5.19 2.54
N LEU A 59 -6.06 -5.82 1.70
CA LEU A 59 -6.12 -5.42 0.31
C LEU A 59 -6.70 -4.02 0.15
N GLU A 60 -7.69 -3.68 0.98
CA GLU A 60 -8.21 -2.32 0.99
C GLU A 60 -7.13 -1.33 1.37
N ARG A 61 -6.25 -1.71 2.29
CA ARG A 61 -5.14 -0.83 2.64
C ARG A 61 -4.09 -0.79 1.55
N GLY A 62 -3.96 -1.88 0.78
CA GLY A 62 -2.97 -1.98 -0.26
C GLY A 62 -1.82 -2.94 0.02
N ASP A 63 -1.84 -3.66 1.13
CA ASP A 63 -0.73 -4.52 1.54
C ASP A 63 -0.95 -5.94 1.05
N GLU A 64 -0.46 -6.25 -0.17
CA GLU A 64 -0.60 -7.60 -0.70
C GLU A 64 0.10 -8.63 0.20
N VAL A 65 1.22 -8.26 0.80
CA VAL A 65 1.94 -9.18 1.69
C VAL A 65 1.01 -9.64 2.81
N LEU A 66 0.40 -8.68 3.50
CA LEU A 66 -0.49 -9.03 4.60
C LEU A 66 -1.71 -9.79 4.09
N ALA A 67 -2.25 -9.37 2.95
CA ALA A 67 -3.41 -10.04 2.38
C ALA A 67 -3.13 -11.51 2.13
N ARG A 68 -2.00 -11.80 1.48
CA ARG A 68 -1.67 -13.17 1.10
C ARG A 68 -1.31 -14.01 2.30
N LEU A 69 -0.65 -13.41 3.29
CA LEU A 69 -0.28 -14.16 4.49
C LEU A 69 -1.52 -14.52 5.31
N ALA A 70 -2.47 -13.60 5.41
CA ALA A 70 -3.72 -13.91 6.09
C ALA A 70 -4.49 -14.99 5.34
N ALA A 71 -4.48 -14.93 4.01
CA ALA A 71 -5.09 -15.99 3.20
C ALA A 71 -4.41 -17.33 3.44
N ALA A 72 -3.07 -17.34 3.41
CA ALA A 72 -2.33 -18.57 3.68
C ALA A 72 -2.69 -19.15 5.04
N ALA A 73 -2.86 -18.28 6.04
CA ALA A 73 -3.28 -18.76 7.36
C ALA A 73 -4.65 -19.42 7.27
N ALA A 74 -5.59 -18.76 6.61
CA ALA A 74 -6.94 -19.31 6.48
C ALA A 74 -6.91 -20.66 5.79
N VAL A 75 -6.08 -20.81 4.77
CA VAL A 75 -5.95 -22.09 4.08
C VAL A 75 -5.40 -23.15 5.03
N LEU A 76 -4.39 -22.79 5.82
CA LEU A 76 -3.80 -23.74 6.76
C LEU A 76 -4.85 -24.18 7.79
N VAL A 77 -5.59 -23.23 8.35
CA VAL A 77 -6.58 -23.55 9.37
C VAL A 77 -7.72 -24.38 8.77
N ALA A 78 -8.22 -23.97 7.60
CA ALA A 78 -9.31 -24.70 6.97
C ALA A 78 -8.90 -26.12 6.60
N LYS A 79 -7.74 -26.27 5.95
CA LYS A 79 -7.24 -27.58 5.56
C LYS A 79 -6.73 -28.41 6.75
N ARG A 80 -6.61 -27.81 7.94
CA ARG A 80 -6.09 -28.49 9.13
C ARG A 80 -4.69 -29.08 8.89
N GLU A 81 -3.80 -28.27 8.34
CA GLU A 81 -2.45 -28.68 8.01
C GLU A 81 -1.47 -28.33 9.13
N ARG A 82 -0.88 -29.35 9.77
CA ARG A 82 0.08 -29.15 10.85
C ARG A 82 1.35 -29.95 10.58
N GLY A 83 1.87 -29.90 9.37
CA GLY A 83 3.04 -30.68 9.03
C GLY A 83 4.11 -29.82 8.41
N LYS A 84 4.86 -30.44 7.49
CA LYS A 84 5.95 -29.73 6.82
C LYS A 84 5.42 -28.50 6.09
N VAL A 85 4.20 -28.57 5.57
CA VAL A 85 3.59 -27.42 4.90
C VAL A 85 3.34 -26.31 5.91
N ALA A 86 2.85 -26.66 7.10
CA ALA A 86 2.61 -25.65 8.13
C ALA A 86 3.90 -24.94 8.53
N LYS A 87 4.99 -25.69 8.72
CA LYS A 87 6.25 -25.07 9.12
C LYS A 87 6.78 -24.16 8.02
N ALA A 88 6.64 -24.58 6.76
CA ALA A 88 7.07 -23.76 5.63
C ALA A 88 6.35 -22.42 5.62
N VAL A 89 5.02 -22.44 5.73
CA VAL A 89 4.25 -21.20 5.73
C VAL A 89 4.70 -20.29 6.86
N ALA A 90 5.05 -20.86 8.01
CA ALA A 90 5.54 -20.05 9.12
C ALA A 90 6.90 -19.43 8.79
N GLU A 91 7.81 -20.23 8.24
CA GLU A 91 9.12 -19.72 7.85
C GLU A 91 8.97 -18.62 6.80
N LEU A 92 8.13 -18.87 5.78
CA LEU A 92 7.90 -17.89 4.73
C LEU A 92 7.29 -16.61 5.29
N ALA A 93 6.38 -16.74 6.26
CA ALA A 93 5.78 -15.55 6.87
C ALA A 93 6.84 -14.71 7.56
N ARG A 94 7.69 -15.36 8.36
CA ARG A 94 8.78 -14.63 9.02
C ARG A 94 9.71 -14.00 8.00
N LEU A 95 9.94 -14.69 6.88
CA LEU A 95 10.83 -14.16 5.86
C LEU A 95 10.22 -12.92 5.22
N ALA A 96 8.91 -12.94 4.98
CA ALA A 96 8.22 -11.76 4.48
C ALA A 96 8.35 -10.60 5.45
N ARG A 97 8.18 -10.86 6.75
CA ARG A 97 8.35 -9.81 7.76
C ARG A 97 9.75 -9.24 7.72
N LEU A 98 10.76 -10.11 7.66
CA LEU A 98 12.15 -9.64 7.54
C LEU A 98 12.35 -8.80 6.29
N ALA A 99 11.84 -9.25 5.16
CA ALA A 99 11.99 -8.48 3.92
C ALA A 99 11.38 -7.09 4.05
N LEU A 100 10.19 -7.02 4.63
CA LEU A 100 9.54 -5.72 4.83
C LEU A 100 10.38 -4.81 5.74
N GLU A 101 10.86 -5.36 6.85
CA GLU A 101 11.67 -4.58 7.79
C GLU A 101 12.99 -4.15 7.17
N ARG A 102 13.58 -4.99 6.33
CA ARG A 102 14.83 -4.68 5.66
C ARG A 102 14.64 -3.83 4.39
N GLY A 103 13.42 -3.37 4.12
CA GLY A 103 13.14 -2.54 2.97
C GLY A 103 13.29 -3.23 1.63
N ASP A 104 12.85 -4.48 1.54
CA ASP A 104 12.86 -5.24 0.29
C ASP A 104 11.43 -5.70 0.06
N GLU A 105 10.55 -4.74 -0.25
CA GLU A 105 9.13 -5.04 -0.37
C GLU A 105 8.85 -6.06 -1.46
N GLU A 106 9.62 -6.03 -2.56
CA GLU A 106 9.38 -6.97 -3.65
C GLU A 106 9.52 -8.42 -3.22
N THR A 107 10.65 -8.76 -2.61
CA THR A 107 10.84 -10.11 -2.10
C THR A 107 9.73 -10.49 -1.12
N ALA A 108 9.33 -9.55 -0.26
CA ALA A 108 8.24 -9.84 0.68
C ALA A 108 6.98 -10.22 -0.08
N ARG A 109 6.71 -9.52 -1.19
CA ARG A 109 5.53 -9.83 -2.00
C ARG A 109 5.65 -11.22 -2.62
N LEU A 110 6.77 -11.50 -3.29
CA LEU A 110 6.99 -12.81 -3.89
C LEU A 110 6.88 -13.92 -2.84
N VAL A 111 7.53 -13.73 -1.70
CA VAL A 111 7.53 -14.74 -0.65
C VAL A 111 6.11 -14.94 -0.12
N ALA A 112 5.34 -13.86 -0.02
CA ALA A 112 3.95 -13.96 0.43
C ALA A 112 3.15 -14.87 -0.49
N GLU A 113 3.31 -14.71 -1.81
CA GLU A 113 2.63 -15.59 -2.76
C GLU A 113 3.05 -17.04 -2.56
N VAL A 114 4.36 -17.29 -2.44
CA VAL A 114 4.85 -18.65 -2.24
C VAL A 114 4.12 -19.31 -1.09
N ALA A 115 3.99 -18.60 0.04
CA ALA A 115 3.33 -19.16 1.21
C ALA A 115 1.89 -19.56 0.91
N LEU A 116 1.18 -18.73 0.15
CA LEU A 116 -0.20 -19.05 -0.19
C LEU A 116 -0.28 -20.30 -1.05
N LEU A 117 0.59 -20.41 -2.06
CA LEU A 117 0.61 -21.60 -2.91
C LEU A 117 0.97 -22.84 -2.11
N VAL A 118 2.02 -22.75 -1.28
CA VAL A 118 2.43 -23.90 -0.48
C VAL A 118 1.29 -24.33 0.43
N ALA A 119 0.55 -23.37 0.99
CA ALA A 119 -0.58 -23.71 1.85
C ALA A 119 -1.67 -24.41 1.04
N SER A 120 -1.99 -23.88 -0.15
CA SER A 120 -3.06 -24.45 -0.95
C SER A 120 -2.76 -25.89 -1.36
N LYS A 121 -1.58 -26.12 -1.93
CA LYS A 121 -1.29 -27.42 -2.52
C LYS A 121 -1.02 -28.49 -1.47
N GLY A 122 -0.48 -28.10 -0.32
CA GLY A 122 -0.27 -29.03 0.78
C GLY A 122 0.67 -30.17 0.48
N ASP A 123 1.68 -29.93 -0.36
CA ASP A 123 2.67 -30.96 -0.68
C ASP A 123 3.82 -30.88 0.31
N ASP A 124 4.10 -31.99 0.99
CA ASP A 124 5.23 -32.07 1.89
C ASP A 124 6.54 -31.88 1.14
N GLU A 125 6.64 -32.50 -0.04
CA GLU A 125 7.84 -32.38 -0.86
C GLU A 125 8.07 -30.94 -1.30
N LEU A 126 7.04 -30.30 -1.85
CA LEU A 126 7.13 -28.88 -2.21
C LEU A 126 7.52 -28.05 -1.00
N ALA A 127 6.93 -28.37 0.16
CA ALA A 127 7.25 -27.64 1.39
C ALA A 127 8.76 -27.66 1.66
N GLU A 128 9.39 -28.83 1.48
CA GLU A 128 10.81 -28.95 1.79
C GLU A 128 11.67 -28.16 0.82
N LYS A 129 11.40 -28.27 -0.49
CA LYS A 129 12.14 -27.50 -1.49
C LYS A 129 12.05 -26.01 -1.20
N VAL A 130 10.83 -25.52 -0.96
CA VAL A 130 10.65 -24.11 -0.66
C VAL A 130 11.38 -23.74 0.62
N ALA A 131 11.46 -24.65 1.59
CA ALA A 131 12.15 -24.34 2.84
C ALA A 131 13.62 -24.08 2.59
N GLU A 132 14.24 -24.83 1.67
CA GLU A 132 15.63 -24.58 1.32
C GLU A 132 15.80 -23.24 0.63
N LEU A 133 14.98 -22.98 -0.39
CA LEU A 133 15.04 -21.70 -1.10
C LEU A 133 14.78 -20.54 -0.16
N ALA A 134 13.89 -20.74 0.82
CA ALA A 134 13.58 -19.67 1.77
C ALA A 134 14.79 -19.31 2.62
N ARG A 135 15.54 -20.33 3.06
CA ARG A 135 16.73 -20.06 3.88
C ARG A 135 17.79 -19.33 3.07
N GLU A 136 18.00 -19.73 1.80
CA GLU A 136 18.89 -18.97 0.94
C GLU A 136 18.45 -17.51 0.82
N ALA A 137 17.15 -17.28 0.65
CA ALA A 137 16.69 -15.90 0.56
C ALA A 137 16.90 -15.17 1.87
N ARG A 138 16.69 -15.84 3.00
CA ARG A 138 16.90 -15.23 4.30
C ARG A 138 18.36 -14.84 4.49
N ASP A 139 19.28 -15.76 4.18
CA ASP A 139 20.70 -15.46 4.32
C ASP A 139 21.09 -14.28 3.45
N ALA A 140 20.56 -14.24 2.22
CA ALA A 140 20.79 -13.10 1.34
C ALA A 140 20.32 -11.81 2.01
N LEU A 141 19.12 -11.84 2.61
CA LEU A 141 18.60 -10.67 3.30
C LEU A 141 19.51 -10.23 4.43
N GLU A 142 19.95 -11.19 5.26
CA GLU A 142 20.79 -10.84 6.40
C GLU A 142 22.10 -10.20 5.96
N ALA A 143 22.57 -10.51 4.75
CA ALA A 143 23.78 -9.90 4.22
C ALA A 143 23.54 -8.60 3.49
N GLY A 144 22.29 -8.30 3.13
CA GLY A 144 22.00 -7.13 2.33
C GLY A 144 21.96 -7.37 0.84
N ASP A 145 22.01 -8.64 0.42
CA ASP A 145 22.03 -9.00 -1.01
C ASP A 145 20.58 -9.13 -1.48
N ARG A 146 19.97 -7.97 -1.75
CA ARG A 146 18.56 -8.00 -2.13
C ARG A 146 18.35 -8.75 -3.44
N GLU A 147 19.31 -8.67 -4.35
CA GLU A 147 19.12 -9.31 -5.64
C GLU A 147 19.03 -10.83 -5.49
N ARG A 148 20.00 -11.43 -4.81
CA ARG A 148 19.96 -12.87 -4.60
C ARG A 148 18.75 -13.28 -3.75
N ALA A 149 18.36 -12.44 -2.79
CA ALA A 149 17.13 -12.68 -2.04
C ALA A 149 15.92 -12.74 -2.97
N ARG A 150 15.79 -11.75 -3.85
CA ARG A 150 14.71 -11.75 -4.83
C ARG A 150 14.81 -12.96 -5.75
N GLU A 151 16.02 -13.27 -6.23
CA GLU A 151 16.20 -14.40 -7.13
C GLU A 151 15.76 -15.71 -6.48
N ALA A 152 16.10 -15.90 -5.20
CA ALA A 152 15.71 -17.12 -4.50
C ALA A 152 14.20 -17.18 -4.30
N ALA A 153 13.57 -16.04 -4.00
CA ALA A 153 12.11 -16.01 -3.86
C ALA A 153 11.44 -16.29 -5.20
N GLU A 154 12.00 -15.75 -6.28
CA GLU A 154 11.47 -15.99 -7.61
C GLU A 154 11.58 -17.45 -7.98
N GLU A 155 12.69 -18.10 -7.60
CA GLU A 155 12.81 -19.54 -7.78
C GLU A 155 11.75 -20.28 -6.98
N ALA A 156 11.53 -19.87 -5.73
CA ALA A 156 10.50 -20.49 -4.89
C ALA A 156 9.11 -20.33 -5.51
N LEU A 157 8.84 -19.15 -6.06
CA LEU A 157 7.55 -18.91 -6.71
C LEU A 157 7.37 -19.83 -7.90
N ARG A 158 8.40 -19.92 -8.74
CA ARG A 158 8.31 -20.75 -9.93
C ARG A 158 8.10 -22.21 -9.57
N VAL A 159 8.78 -22.72 -8.53
CA VAL A 159 8.56 -24.10 -8.11
C VAL A 159 7.16 -24.28 -7.50
N ALA A 160 6.66 -23.27 -6.79
CA ALA A 160 5.34 -23.40 -6.16
C ALA A 160 4.21 -23.40 -7.19
N ARG A 161 4.28 -22.51 -8.19
CA ARG A 161 3.22 -22.42 -9.19
C ARG A 161 3.09 -23.71 -10.00
N GLU A 162 4.21 -24.26 -10.45
CA GLU A 162 4.20 -25.43 -11.31
C GLU A 162 3.88 -26.72 -10.56
N ALA A 163 4.35 -26.85 -9.32
CA ALA A 163 3.96 -28.00 -8.50
C ALA A 163 2.44 -28.17 -8.49
N GLU A 164 1.98 -29.39 -8.69
CA GLU A 164 0.53 -29.63 -8.71
C GLU A 164 0.09 -30.62 -7.64
N GLU B 1 4.79 -25.69 20.14
CA GLU B 1 5.60 -24.83 19.28
C GLU B 1 4.76 -23.72 18.65
N VAL B 2 3.53 -24.06 18.25
CA VAL B 2 2.60 -23.06 17.75
C VAL B 2 2.22 -22.12 18.89
N ILE B 3 1.95 -22.69 20.07
CA ILE B 3 1.57 -21.87 21.23
C ILE B 3 2.70 -20.93 21.59
N GLU B 4 3.95 -21.42 21.60
CA GLU B 4 5.08 -20.55 21.90
C GLU B 4 5.31 -19.55 20.77
N ARG B 5 5.11 -19.98 19.52
CA ARG B 5 5.23 -19.06 18.39
C ARG B 5 4.25 -17.90 18.53
N ALA B 6 2.98 -18.22 18.81
CA ALA B 6 2.00 -17.17 19.00
C ALA B 6 2.42 -16.25 20.15
N ARG B 7 2.72 -16.83 21.32
CA ARG B 7 3.10 -16.02 22.48
C ARG B 7 4.31 -15.16 22.19
N ARG B 8 5.25 -15.63 21.37
CA ARG B 8 6.40 -14.80 21.02
C ARG B 8 5.94 -13.58 20.20
N LEU B 9 5.03 -13.81 19.25
CA LEU B 9 4.53 -12.69 18.45
C LEU B 9 3.74 -11.69 19.29
N LEU B 10 2.99 -12.17 20.29
CA LEU B 10 2.25 -11.22 21.14
C LEU B 10 3.20 -10.37 21.98
N ARG B 11 4.31 -10.93 22.44
CA ARG B 11 5.24 -10.13 23.25
C ARG B 11 5.90 -9.06 22.42
N GLU B 12 6.26 -9.36 21.18
CA GLU B 12 6.78 -8.32 20.30
C GLU B 12 5.72 -7.26 20.05
N LEU B 13 4.47 -7.68 19.85
CA LEU B 13 3.39 -6.74 19.66
C LEU B 13 3.21 -5.85 20.89
N ALA B 14 3.24 -6.46 22.09
CA ALA B 14 3.14 -5.68 23.32
C ALA B 14 4.31 -4.73 23.47
N ASP B 15 5.52 -5.21 23.17
CA ASP B 15 6.70 -4.36 23.25
C ASP B 15 6.59 -3.18 22.29
N LEU B 16 6.35 -3.48 21.01
CA LEU B 16 6.26 -2.43 19.99
C LEU B 16 5.15 -1.44 20.29
N ALA B 17 4.00 -1.93 20.76
CA ALA B 17 2.91 -1.03 21.08
C ALA B 17 3.28 -0.06 22.19
N GLU B 18 3.94 -0.56 23.23
CA GLU B 18 4.37 0.31 24.31
C GLU B 18 5.38 1.33 23.82
N GLU B 19 6.29 0.92 22.93
CA GLU B 19 7.25 1.86 22.38
C GLU B 19 6.59 2.92 21.52
N ARG B 20 5.51 2.57 20.82
CA ARG B 20 4.80 3.51 19.97
C ARG B 20 3.75 4.31 20.72
N GLY B 21 3.50 4.01 21.99
CA GLY B 21 2.49 4.71 22.74
C GLY B 21 1.09 4.16 22.58
N ASP B 22 0.94 3.04 21.87
CA ASP B 22 -0.37 2.43 21.62
C ASP B 22 -0.68 1.44 22.74
N GLU B 23 -0.98 2.00 23.90
CA GLU B 23 -1.31 1.23 25.09
C GLU B 23 -2.51 0.32 24.89
N GLY B 24 -3.42 0.68 23.97
CA GLY B 24 -4.59 -0.16 23.73
C GLY B 24 -4.23 -1.53 23.21
N VAL B 25 -3.41 -1.59 22.16
CA VAL B 25 -3.08 -2.89 21.57
C VAL B 25 -2.07 -3.64 22.45
N ALA B 26 -1.21 -2.92 23.17
CA ALA B 26 -0.32 -3.59 24.11
C ALA B 26 -1.11 -4.33 25.18
N ALA B 27 -2.12 -3.67 25.74
CA ALA B 27 -3.00 -4.31 26.72
C ALA B 27 -3.68 -5.53 26.10
N ALA B 28 -4.18 -5.37 24.87
CA ALA B 28 -4.83 -6.49 24.19
C ALA B 28 -3.86 -7.65 23.98
N ALA B 29 -2.66 -7.35 23.49
CA ALA B 29 -1.66 -8.40 23.26
C ALA B 29 -1.38 -9.16 24.54
N ARG B 30 -1.26 -8.44 25.67
CA ARG B 30 -0.94 -9.10 26.93
C ARG B 30 -2.08 -9.99 27.39
N GLU B 31 -3.32 -9.52 27.20
CA GLU B 31 -4.49 -10.31 27.57
C GLU B 31 -4.62 -11.53 26.66
N VAL B 32 -4.43 -11.33 25.35
CA VAL B 32 -4.52 -12.44 24.40
C VAL B 32 -3.47 -13.49 24.71
N GLU B 33 -2.23 -13.06 24.97
CA GLU B 33 -1.17 -14.01 25.27
C GLU B 33 -1.52 -14.87 26.47
N ARG B 34 -2.17 -14.29 27.48
CA ARG B 34 -2.63 -15.09 28.61
C ARG B 34 -3.70 -16.09 28.17
N LEU B 35 -4.66 -15.62 27.37
CA LEU B 35 -5.73 -16.49 26.90
C LEU B 35 -5.18 -17.66 26.09
N VAL B 36 -4.24 -17.38 25.18
CA VAL B 36 -3.62 -18.43 24.37
C VAL B 36 -2.97 -19.48 25.28
N ALA B 37 -2.33 -19.03 26.36
CA ALA B 37 -1.68 -19.98 27.25
C ALA B 37 -2.71 -20.86 27.96
N GLU B 38 -3.75 -20.23 28.53
CA GLU B 38 -4.73 -21.00 29.30
C GLU B 38 -5.51 -21.98 28.44
N ARG B 39 -5.87 -21.59 27.21
CA ARG B 39 -6.65 -22.49 26.36
C ARG B 39 -5.81 -23.66 25.87
N GLY B 40 -4.52 -23.45 25.64
CA GLY B 40 -3.66 -24.52 25.18
C GLY B 40 -4.17 -25.15 23.90
N ASP B 41 -4.50 -24.32 22.92
CA ASP B 41 -5.13 -24.75 21.68
C ASP B 41 -4.17 -24.52 20.53
N ARG B 42 -3.79 -25.60 19.83
CA ARG B 42 -2.94 -25.44 18.67
C ARG B 42 -3.63 -24.61 17.59
N GLU B 43 -4.85 -24.99 17.23
CA GLU B 43 -5.55 -24.30 16.15
C GLU B 43 -5.82 -22.84 16.50
N LEU B 44 -6.29 -22.57 17.72
CA LEU B 44 -6.46 -21.20 18.19
C LEU B 44 -5.14 -20.44 18.20
N ALA B 45 -4.06 -21.10 18.64
CA ALA B 45 -2.76 -20.41 18.71
C ALA B 45 -2.29 -20.01 17.32
N ALA B 46 -2.47 -20.88 16.33
CA ALA B 46 -2.10 -20.55 14.96
C ALA B 46 -2.83 -19.31 14.49
N VAL B 47 -4.15 -19.25 14.74
CA VAL B 47 -4.95 -18.12 14.28
C VAL B 47 -4.50 -16.84 14.95
N VAL B 48 -4.27 -16.88 16.26
CA VAL B 48 -3.77 -15.72 16.97
C VAL B 48 -2.40 -15.30 16.45
N ALA B 49 -1.57 -16.27 16.09
CA ALA B 49 -0.25 -15.96 15.55
C ALA B 49 -0.35 -15.13 14.28
N ALA B 50 -1.23 -15.53 13.37
CA ALA B 50 -1.43 -14.76 12.13
C ALA B 50 -1.90 -13.34 12.44
N LEU B 51 -2.95 -13.22 13.25
CA LEU B 51 -3.47 -11.91 13.59
C LEU B 51 -2.42 -11.06 14.30
N ALA B 52 -1.67 -11.65 15.23
CA ALA B 52 -0.61 -10.92 15.91
C ALA B 52 0.46 -10.48 14.93
N ALA B 53 0.80 -11.34 13.96
CA ALA B 53 1.77 -10.98 12.93
C ALA B 53 1.26 -9.80 12.11
N ALA B 54 -0.01 -9.83 11.73
CA ALA B 54 -0.61 -8.71 11.02
C ALA B 54 -0.50 -7.42 11.83
N ALA B 55 -0.93 -7.46 13.09
CA ALA B 55 -0.85 -6.28 13.95
C ALA B 55 0.59 -5.79 14.11
N LEU B 56 1.51 -6.71 14.33
CA LEU B 56 2.91 -6.32 14.48
C LEU B 56 3.45 -5.66 13.22
N LEU B 57 3.13 -6.21 12.05
CA LEU B 57 3.58 -5.59 10.79
C LEU B 57 2.93 -4.24 10.58
N ALA B 58 1.63 -4.14 10.89
CA ALA B 58 0.92 -2.87 10.71
C ALA B 58 1.52 -1.78 11.59
N LEU B 59 1.73 -2.11 12.87
CA LEU B 59 2.22 -1.12 13.82
C LEU B 59 3.65 -0.69 13.51
N GLU B 60 4.48 -1.59 12.99
CA GLU B 60 5.80 -1.17 12.52
C GLU B 60 5.69 -0.11 11.43
N ARG B 61 4.70 -0.24 10.55
CA ARG B 61 4.48 0.78 9.53
C ARG B 61 3.82 2.02 10.10
N GLY B 62 3.01 1.89 11.14
CA GLY B 62 2.25 3.00 11.66
C GLY B 62 0.77 2.94 11.37
N ASP B 63 0.26 1.83 10.83
CA ASP B 63 -1.13 1.73 10.40
C ASP B 63 -1.96 1.30 11.60
N GLU B 64 -2.38 2.30 12.37
CA GLU B 64 -3.21 2.04 13.55
C GLU B 64 -4.51 1.36 13.18
N VAL B 65 -5.05 1.64 12.00
CA VAL B 65 -6.28 0.98 11.55
C VAL B 65 -6.09 -0.53 11.50
N LEU B 66 -5.09 -0.99 10.75
CA LEU B 66 -4.87 -2.44 10.64
C LEU B 66 -4.42 -3.03 11.96
N ALA B 67 -3.53 -2.35 12.68
CA ALA B 67 -3.04 -2.86 13.95
C ALA B 67 -4.18 -3.13 14.92
N ARG B 68 -5.08 -2.15 15.08
CA ARG B 68 -6.13 -2.26 16.07
C ARG B 68 -7.23 -3.24 15.66
N LEU B 69 -7.56 -3.32 14.37
CA LEU B 69 -8.53 -4.33 13.96
C LEU B 69 -7.94 -5.73 14.06
N ALA B 70 -6.68 -5.90 13.68
CA ALA B 70 -6.04 -7.21 13.84
C ALA B 70 -5.95 -7.57 15.31
N ALA B 71 -5.63 -6.59 16.16
CA ALA B 71 -5.67 -6.81 17.61
C ALA B 71 -7.07 -7.16 18.08
N ALA B 72 -8.08 -6.39 17.63
CA ALA B 72 -9.47 -6.64 18.02
C ALA B 72 -9.89 -8.05 17.63
N ALA B 73 -9.50 -8.49 16.43
CA ALA B 73 -9.79 -9.86 16.02
C ALA B 73 -9.16 -10.86 16.97
N ALA B 74 -7.88 -10.64 17.31
CA ALA B 74 -7.19 -11.56 18.21
C ALA B 74 -7.90 -11.63 19.56
N VAL B 75 -8.38 -10.51 20.06
CA VAL B 75 -9.14 -10.52 21.31
C VAL B 75 -10.44 -11.29 21.15
N LEU B 76 -11.13 -11.11 20.01
CA LEU B 76 -12.35 -11.87 19.75
C LEU B 76 -12.08 -13.36 19.73
N VAL B 77 -11.04 -13.77 18.98
CA VAL B 77 -10.72 -15.18 18.81
C VAL B 77 -10.23 -15.78 20.13
N ALA B 78 -9.31 -15.08 20.80
CA ALA B 78 -8.78 -15.60 22.06
C ALA B 78 -9.87 -15.72 23.12
N LYS B 79 -10.66 -14.65 23.31
CA LYS B 79 -11.75 -14.71 24.28
C LYS B 79 -12.89 -15.60 23.84
N ARG B 80 -12.88 -16.13 22.62
CA ARG B 80 -13.99 -16.93 22.13
C ARG B 80 -15.28 -16.12 22.22
N GLU B 81 -15.23 -14.90 21.66
CA GLU B 81 -16.37 -14.01 21.74
C GLU B 81 -17.28 -14.37 20.58
N ARG B 82 -18.43 -14.96 20.92
CA ARG B 82 -19.39 -15.48 19.95
C ARG B 82 -20.75 -14.93 20.34
N GLY B 83 -21.02 -13.69 19.96
CA GLY B 83 -22.29 -13.09 20.33
C GLY B 83 -22.39 -11.64 19.92
N LYS B 84 -23.09 -10.87 20.75
CA LYS B 84 -23.37 -9.47 20.44
C LYS B 84 -22.10 -8.66 20.31
N VAL B 85 -21.09 -8.96 21.13
CA VAL B 85 -19.82 -8.25 21.02
C VAL B 85 -19.12 -8.61 19.72
N ALA B 86 -19.15 -9.90 19.36
CA ALA B 86 -18.56 -10.34 18.10
C ALA B 86 -19.22 -9.68 16.90
N LYS B 87 -20.56 -9.63 16.88
CA LYS B 87 -21.24 -8.98 15.77
C LYS B 87 -20.93 -7.50 15.71
N ALA B 88 -20.86 -6.84 16.86
CA ALA B 88 -20.52 -5.42 16.87
C ALA B 88 -19.16 -5.18 16.24
N VAL B 89 -18.13 -5.90 16.72
CA VAL B 89 -16.77 -5.73 16.20
C VAL B 89 -16.75 -5.97 14.69
N ALA B 90 -17.57 -6.91 14.21
CA ALA B 90 -17.65 -7.16 12.77
C ALA B 90 -18.23 -5.96 12.05
N GLU B 91 -19.30 -5.36 12.60
CA GLU B 91 -19.85 -4.16 12.00
C GLU B 91 -18.84 -3.01 12.02
N LEU B 92 -18.13 -2.84 13.13
CA LEU B 92 -17.08 -1.82 13.14
C LEU B 92 -16.03 -2.11 12.06
N ALA B 93 -15.68 -3.39 11.89
CA ALA B 93 -14.75 -3.75 10.82
C ALA B 93 -15.36 -3.46 9.44
N ARG B 94 -16.63 -3.82 9.26
CA ARG B 94 -17.31 -3.53 8.00
C ARG B 94 -17.36 -2.03 7.75
N LEU B 95 -17.54 -1.25 8.80
CA LEU B 95 -17.61 0.20 8.67
C LEU B 95 -16.24 0.80 8.37
N ALA B 96 -15.19 0.32 9.05
CA ALA B 96 -13.85 0.84 8.82
C ALA B 96 -13.43 0.68 7.37
N ARG B 97 -13.67 -0.51 6.80
CA ARG B 97 -13.36 -0.74 5.39
C ARG B 97 -14.12 0.23 4.50
N LEU B 98 -15.41 0.42 4.78
CA LEU B 98 -16.19 1.39 4.02
C LEU B 98 -15.53 2.76 4.07
N ALA B 99 -15.09 3.17 5.25
CA ALA B 99 -14.40 4.44 5.40
C ALA B 99 -13.13 4.50 4.54
N LEU B 100 -12.35 3.42 4.54
CA LEU B 100 -11.10 3.39 3.78
C LEU B 100 -11.34 3.63 2.31
N GLU B 101 -12.27 2.88 1.72
CA GLU B 101 -12.56 3.07 0.30
C GLU B 101 -13.12 4.46 0.05
N ARG B 102 -13.82 5.03 1.03
CA ARG B 102 -14.36 6.38 0.90
C ARG B 102 -13.31 7.47 1.11
N GLY B 103 -12.05 7.10 1.31
CA GLY B 103 -11.02 8.09 1.54
C GLY B 103 -11.27 8.83 2.83
N ASP B 104 -11.71 8.13 3.86
CA ASP B 104 -12.05 8.70 5.17
C ASP B 104 -11.17 8.07 6.25
N GLU B 105 -9.89 8.44 6.25
CA GLU B 105 -8.95 7.88 7.20
C GLU B 105 -9.31 8.24 8.63
N GLU B 106 -9.90 9.42 8.83
CA GLU B 106 -10.25 9.91 10.16
C GLU B 106 -11.21 8.96 10.90
N THR B 107 -12.39 8.71 10.33
CA THR B 107 -13.33 7.78 10.97
C THR B 107 -12.74 6.39 11.05
N ALA B 108 -12.04 5.95 10.01
CA ALA B 108 -11.47 4.60 10.02
C ALA B 108 -10.55 4.41 11.22
N ARG B 109 -9.76 5.43 11.54
CA ARG B 109 -8.91 5.37 12.72
C ARG B 109 -9.77 5.30 13.98
N LEU B 110 -10.74 6.21 14.10
CA LEU B 110 -11.66 6.21 15.25
C LEU B 110 -12.38 4.88 15.38
N VAL B 111 -12.93 4.37 14.29
CA VAL B 111 -13.68 3.12 14.32
C VAL B 111 -12.77 1.97 14.74
N ALA B 112 -11.53 1.99 14.26
CA ALA B 112 -10.57 0.97 14.64
C ALA B 112 -10.40 0.92 16.16
N GLU B 113 -10.28 2.08 16.80
CA GLU B 113 -10.18 2.13 18.25
C GLU B 113 -11.43 1.54 18.91
N VAL B 114 -12.61 1.98 18.46
CA VAL B 114 -13.86 1.47 19.04
C VAL B 114 -13.88 -0.05 19.04
N ALA B 115 -13.50 -0.64 17.91
CA ALA B 115 -13.52 -2.10 17.80
C ALA B 115 -12.60 -2.76 18.83
N LEU B 116 -11.42 -2.20 19.05
CA LEU B 116 -10.50 -2.79 20.02
C LEU B 116 -11.06 -2.72 21.43
N LEU B 117 -11.61 -1.57 21.82
CA LEU B 117 -12.19 -1.45 23.15
C LEU B 117 -13.39 -2.38 23.32
N VAL B 118 -14.29 -2.39 22.34
CA VAL B 118 -15.46 -3.26 22.42
C VAL B 118 -15.04 -4.72 22.52
N ALA B 119 -13.99 -5.10 21.79
CA ALA B 119 -13.48 -6.46 21.90
C ALA B 119 -12.92 -6.71 23.29
N SER B 120 -12.11 -5.78 23.80
CA SER B 120 -11.47 -5.97 25.10
C SER B 120 -12.50 -6.09 26.21
N LYS B 121 -13.40 -5.12 26.31
CA LYS B 121 -14.32 -5.07 27.45
C LYS B 121 -15.39 -6.14 27.35
N GLY B 122 -15.83 -6.47 26.14
CA GLY B 122 -16.76 -7.58 25.94
C GLY B 122 -18.08 -7.45 26.68
N ASP B 123 -18.58 -6.22 26.86
CA ASP B 123 -19.85 -5.98 27.52
C ASP B 123 -20.93 -5.94 26.43
N ASP B 124 -21.95 -6.80 26.54
CA ASP B 124 -22.99 -6.84 25.51
C ASP B 124 -23.76 -5.53 25.40
N GLU B 125 -24.08 -4.89 26.52
CA GLU B 125 -24.83 -3.64 26.41
C GLU B 125 -24.04 -2.62 25.61
N LEU B 126 -22.77 -2.40 25.98
CA LEU B 126 -21.90 -1.52 25.22
C LEU B 126 -21.86 -1.94 23.75
N ALA B 127 -21.82 -3.24 23.49
CA ALA B 127 -21.77 -3.74 22.11
C ALA B 127 -22.94 -3.21 21.31
N GLU B 128 -24.15 -3.28 21.86
CA GLU B 128 -25.30 -2.83 21.09
C GLU B 128 -25.31 -1.32 20.94
N LYS B 129 -25.03 -0.57 22.01
CA LYS B 129 -24.96 0.89 21.90
C LYS B 129 -24.02 1.30 20.78
N VAL B 130 -22.82 0.72 20.76
CA VAL B 130 -21.86 1.01 19.71
C VAL B 130 -22.37 0.51 18.36
N ALA B 131 -23.03 -0.65 18.32
CA ALA B 131 -23.53 -1.16 17.05
C ALA B 131 -24.59 -0.23 16.49
N GLU B 132 -25.37 0.39 17.37
CA GLU B 132 -26.35 1.39 16.96
C GLU B 132 -25.65 2.59 16.35
N LEU B 133 -24.61 3.09 17.03
CA LEU B 133 -23.83 4.21 16.51
C LEU B 133 -23.15 3.85 15.19
N ALA B 134 -22.69 2.60 15.06
CA ALA B 134 -21.97 2.18 13.86
C ALA B 134 -22.87 2.21 12.63
N ARG B 135 -24.12 1.77 12.78
CA ARG B 135 -25.04 1.79 11.64
C ARG B 135 -25.32 3.21 11.15
N GLU B 136 -25.52 4.16 12.08
CA GLU B 136 -25.70 5.54 11.65
C GLU B 136 -24.49 6.04 10.87
N ALA B 137 -23.29 5.72 11.35
CA ALA B 137 -22.07 6.14 10.66
C ALA B 137 -21.99 5.51 9.28
N ARG B 138 -22.43 4.26 9.18
CA ARG B 138 -22.42 3.56 7.90
C ARG B 138 -23.30 4.28 6.86
N ASP B 139 -24.55 4.59 7.22
CA ASP B 139 -25.41 5.31 6.29
C ASP B 139 -24.84 6.67 5.92
N ALA B 140 -24.28 7.38 6.91
CA ALA B 140 -23.64 8.67 6.62
C ALA B 140 -22.57 8.51 5.56
N LEU B 141 -21.69 7.51 5.73
CA LEU B 141 -20.64 7.25 4.74
C LEU B 141 -21.24 6.90 3.38
N GLU B 142 -22.21 5.98 3.37
CA GLU B 142 -22.81 5.55 2.11
C GLU B 142 -23.49 6.71 1.39
N ALA B 143 -23.94 7.72 2.13
CA ALA B 143 -24.56 8.90 1.53
C ALA B 143 -23.57 9.98 1.14
N GLY B 144 -22.35 9.93 1.65
CA GLY B 144 -21.39 10.99 1.44
C GLY B 144 -21.34 12.03 2.54
N ASP B 145 -22.01 11.77 3.66
CA ASP B 145 -22.00 12.68 4.81
C ASP B 145 -20.79 12.30 5.66
N ARG B 146 -19.62 12.72 5.19
CA ARG B 146 -18.40 12.43 5.93
C ARG B 146 -18.44 13.02 7.34
N GLU B 147 -19.06 14.18 7.49
CA GLU B 147 -19.04 14.86 8.79
C GLU B 147 -19.87 14.08 9.82
N ARG B 148 -21.12 13.77 9.49
CA ARG B 148 -21.97 13.00 10.40
C ARG B 148 -21.36 11.63 10.69
N ALA B 149 -20.68 11.05 9.70
CA ALA B 149 -19.98 9.78 9.91
C ALA B 149 -18.94 9.89 11.04
N ARG B 150 -18.10 10.94 10.99
CA ARG B 150 -17.09 11.12 12.04
C ARG B 150 -17.75 11.34 13.39
N GLU B 151 -18.78 12.19 13.44
CA GLU B 151 -19.46 12.47 14.70
C GLU B 151 -20.00 11.20 15.33
N ALA B 152 -20.59 10.30 14.53
CA ALA B 152 -21.08 9.05 15.07
C ALA B 152 -19.92 8.18 15.55
N ALA B 153 -18.80 8.21 14.83
CA ALA B 153 -17.62 7.47 15.26
C ALA B 153 -17.04 8.02 16.56
N GLU B 154 -16.98 9.35 16.69
CA GLU B 154 -16.49 9.94 17.94
C GLU B 154 -17.39 9.61 19.11
N GLU B 155 -18.70 9.61 18.90
CA GLU B 155 -19.59 9.18 19.97
C GLU B 155 -19.30 7.74 20.36
N ALA B 156 -19.11 6.87 19.38
CA ALA B 156 -18.81 5.48 19.68
C ALA B 156 -17.55 5.36 20.52
N LEU B 157 -16.53 6.17 20.23
CA LEU B 157 -15.30 6.12 21.01
C LEU B 157 -15.54 6.56 22.45
N ARG B 158 -16.26 7.67 22.67
CA ARG B 158 -16.52 8.13 24.03
C ARG B 158 -17.28 7.09 24.85
N VAL B 159 -18.31 6.49 24.27
CA VAL B 159 -19.10 5.53 25.04
C VAL B 159 -18.27 4.30 25.37
N ALA B 160 -17.39 3.91 24.46
CA ALA B 160 -16.47 2.81 24.73
C ALA B 160 -15.43 3.19 25.77
N ARG B 161 -14.92 4.43 25.69
CA ARG B 161 -13.92 4.91 26.64
C ARG B 161 -14.44 4.90 28.07
N GLU B 162 -15.68 5.35 28.26
CA GLU B 162 -16.22 5.47 29.61
C GLU B 162 -16.57 4.11 30.19
N ALA B 163 -17.01 3.17 29.36
CA ALA B 163 -17.29 1.81 29.78
C ALA B 163 -16.13 1.21 30.60
N GLU C 1 13.11 27.86 -2.34
CA GLU C 1 13.01 27.93 -3.79
C GLU C 1 12.83 26.57 -4.45
N VAL C 2 12.05 26.57 -5.53
CA VAL C 2 11.80 25.35 -6.32
C VAL C 2 13.12 24.70 -6.73
N ILE C 3 14.09 25.48 -7.19
CA ILE C 3 15.35 24.90 -7.65
C ILE C 3 16.05 24.18 -6.50
N GLU C 4 16.08 24.81 -5.32
CA GLU C 4 16.68 24.16 -4.17
C GLU C 4 15.85 22.97 -3.70
N ARG C 5 14.52 23.10 -3.79
CA ARG C 5 13.63 21.99 -3.48
C ARG C 5 13.89 20.81 -4.39
N ALA C 6 13.95 21.06 -5.70
CA ALA C 6 14.21 20.00 -6.66
C ALA C 6 15.55 19.36 -6.40
N ARG C 7 16.62 20.16 -6.35
CA ARG C 7 17.95 19.59 -6.13
C ARG C 7 17.98 18.79 -4.83
N ARG C 8 17.26 19.26 -3.80
CA ARG C 8 17.20 18.54 -2.54
C ARG C 8 16.49 17.20 -2.70
N LEU C 9 15.36 17.19 -3.42
CA LEU C 9 14.67 15.92 -3.63
C LEU C 9 15.50 14.97 -4.49
N LEU C 10 16.24 15.49 -5.48
CA LEU C 10 17.08 14.62 -6.28
C LEU C 10 18.23 14.03 -5.47
N ARG C 11 18.78 14.80 -4.52
CA ARG C 11 19.88 14.24 -3.73
C ARG C 11 19.37 13.16 -2.77
N GLU C 12 18.22 13.40 -2.12
CA GLU C 12 17.64 12.34 -1.30
C GLU C 12 17.19 11.16 -2.17
N LEU C 13 16.65 11.44 -3.36
CA LEU C 13 16.25 10.37 -4.26
C LEU C 13 17.45 9.52 -4.63
N ALA C 14 18.58 10.17 -4.94
CA ALA C 14 19.80 9.43 -5.22
C ALA C 14 20.28 8.66 -3.99
N ASP C 15 20.20 9.28 -2.81
CA ASP C 15 20.63 8.62 -1.59
C ASP C 15 19.80 7.37 -1.32
N LEU C 16 18.48 7.53 -1.25
CA LEU C 16 17.60 6.42 -0.95
C LEU C 16 17.73 5.33 -2.00
N ALA C 17 17.89 5.72 -3.27
CA ALA C 17 18.10 4.73 -4.33
C ALA C 17 19.39 3.95 -4.13
N GLU C 18 20.46 4.63 -3.71
CA GLU C 18 21.71 3.93 -3.42
C GLU C 18 21.54 2.96 -2.26
N GLU C 19 20.79 3.38 -1.24
CA GLU C 19 20.55 2.50 -0.08
C GLU C 19 19.81 1.24 -0.49
N ARG C 20 18.95 1.34 -1.50
CA ARG C 20 18.26 0.18 -2.02
C ARG C 20 19.07 -0.55 -3.08
N GLY C 21 20.24 -0.03 -3.44
CA GLY C 21 21.10 -0.67 -4.42
C GLY C 21 20.80 -0.37 -5.86
N ASP C 22 19.85 0.52 -6.14
CA ASP C 22 19.49 0.86 -7.52
C ASP C 22 20.32 2.04 -8.00
N GLU C 23 21.58 1.75 -8.29
CA GLU C 23 22.48 2.77 -8.79
C GLU C 23 21.96 3.41 -10.07
N GLY C 24 21.11 2.70 -10.81
CA GLY C 24 20.48 3.29 -12.00
C GLY C 24 19.64 4.51 -11.68
N VAL C 25 18.80 4.41 -10.64
CA VAL C 25 17.91 5.54 -10.31
C VAL C 25 18.73 6.67 -9.68
N ALA C 26 19.73 6.33 -8.88
CA ALA C 26 20.59 7.34 -8.28
C ALA C 26 21.39 8.08 -9.35
N ALA C 27 21.97 7.33 -10.30
CA ALA C 27 22.71 7.95 -11.38
C ALA C 27 21.82 8.92 -12.15
N ALA C 28 20.59 8.52 -12.44
CA ALA C 28 19.66 9.42 -13.12
C ALA C 28 19.40 10.66 -12.26
N ALA C 29 19.10 10.46 -10.97
CA ALA C 29 18.80 11.59 -10.10
C ALA C 29 19.93 12.60 -10.08
N ARG C 30 21.18 12.13 -9.99
CA ARG C 30 22.31 13.05 -9.93
C ARG C 30 22.53 13.77 -11.26
N GLU C 31 22.32 13.09 -12.39
CA GLU C 31 22.44 13.79 -13.67
C GLU C 31 21.31 14.80 -13.81
N VAL C 32 20.09 14.40 -13.49
CA VAL C 32 18.95 15.29 -13.57
C VAL C 32 19.16 16.51 -12.67
N GLU C 33 19.67 16.30 -11.46
CA GLU C 33 19.92 17.42 -10.57
C GLU C 33 20.84 18.46 -11.21
N ARG C 34 21.89 18.00 -11.90
CA ARG C 34 22.76 18.95 -12.57
C ARG C 34 22.01 19.67 -13.69
N LEU C 35 21.21 18.95 -14.47
CA LEU C 35 20.43 19.61 -15.52
C LEU C 35 19.51 20.67 -14.92
N VAL C 36 18.80 20.32 -13.84
CA VAL C 36 17.94 21.28 -13.17
C VAL C 36 18.75 22.49 -12.69
N ALA C 37 19.94 22.23 -12.15
CA ALA C 37 20.78 23.31 -11.63
C ALA C 37 21.31 24.20 -12.76
N GLU C 38 21.89 23.59 -13.80
CA GLU C 38 22.50 24.38 -14.86
C GLU C 38 21.47 25.14 -15.67
N ARG C 39 20.33 24.51 -15.96
CA ARG C 39 19.31 25.18 -16.76
C ARG C 39 18.64 26.29 -15.94
N GLY C 40 18.54 26.10 -14.64
CA GLY C 40 17.96 27.10 -13.75
C GLY C 40 16.56 27.53 -14.14
N ASP C 41 15.69 26.57 -14.41
CA ASP C 41 14.33 26.86 -14.86
C ASP C 41 13.40 26.48 -13.73
N ARG C 42 12.74 27.49 -13.16
CA ARG C 42 11.83 27.27 -12.03
C ARG C 42 10.71 26.33 -12.40
N GLU C 43 10.04 26.60 -13.52
CA GLU C 43 8.91 25.78 -13.97
C GLU C 43 9.36 24.34 -14.23
N LEU C 44 10.48 24.15 -14.93
CA LEU C 44 11.08 22.82 -15.07
C LEU C 44 11.38 22.22 -13.70
N ALA C 45 11.93 23.02 -12.78
CA ALA C 45 12.26 22.52 -11.45
C ALA C 45 11.01 22.07 -10.71
N ALA C 46 9.92 22.82 -10.83
CA ALA C 46 8.67 22.44 -10.17
C ALA C 46 8.21 21.06 -10.61
N VAL C 47 8.20 20.82 -11.92
CA VAL C 47 7.67 19.55 -12.42
C VAL C 47 8.59 18.39 -12.04
N VAL C 48 9.92 18.53 -12.24
CA VAL C 48 10.82 17.45 -11.84
C VAL C 48 10.78 17.25 -10.34
N ALA C 49 10.60 18.32 -9.57
CA ALA C 49 10.45 18.17 -8.13
C ALA C 49 9.27 17.27 -7.80
N ALA C 50 8.14 17.47 -8.49
CA ALA C 50 6.99 16.60 -8.30
C ALA C 50 7.32 15.16 -8.66
N LEU C 51 7.89 14.93 -9.84
CA LEU C 51 8.26 13.56 -10.22
C LEU C 51 9.26 12.96 -9.25
N ALA C 52 10.27 13.73 -8.84
CA ALA C 52 11.25 13.23 -7.89
C ALA C 52 10.58 12.90 -6.56
N ALA C 53 9.63 13.74 -6.14
CA ALA C 53 8.88 13.47 -4.92
C ALA C 53 8.05 12.19 -5.08
N ALA C 54 7.38 12.05 -6.22
CA ALA C 54 6.63 10.82 -6.49
C ALA C 54 7.54 9.61 -6.47
N ALA C 55 8.66 9.67 -7.20
CA ALA C 55 9.59 8.55 -7.19
C ALA C 55 10.09 8.28 -5.78
N LEU C 56 10.46 9.34 -5.06
CA LEU C 56 10.92 9.19 -3.68
C LEU C 56 9.84 8.52 -2.84
N LEU C 57 8.59 8.96 -3.02
CA LEU C 57 7.48 8.38 -2.28
C LEU C 57 7.28 6.91 -2.67
N ALA C 58 7.45 6.59 -3.95
CA ALA C 58 7.27 5.21 -4.39
C ALA C 58 8.28 4.27 -3.73
N LEU C 59 9.57 4.59 -3.80
CA LEU C 59 10.54 3.65 -3.25
C LEU C 59 10.47 3.62 -1.73
N GLU C 60 10.03 4.71 -1.09
CA GLU C 60 9.73 4.65 0.35
C GLU C 60 8.69 3.57 0.63
N ARG C 61 7.69 3.44 -0.25
CA ARG C 61 6.73 2.35 -0.09
C ARG C 61 7.37 1.02 -0.42
N GLY C 62 8.36 1.04 -1.30
CA GLY C 62 8.97 -0.18 -1.78
C GLY C 62 8.62 -0.54 -3.20
N ASP C 63 7.88 0.29 -3.90
CA ASP C 63 7.44 -0.05 -5.26
C ASP C 63 8.52 0.43 -6.22
N GLU C 64 9.52 -0.43 -6.47
CA GLU C 64 10.56 -0.08 -7.42
C GLU C 64 9.99 0.23 -8.80
N VAL C 65 8.89 -0.41 -9.18
CA VAL C 65 8.29 -0.15 -10.50
C VAL C 65 7.99 1.34 -10.66
N LEU C 66 7.25 1.93 -9.72
CA LEU C 66 6.94 3.35 -9.82
C LEU C 66 8.19 4.22 -9.66
N ALA C 67 9.11 3.83 -8.77
CA ALA C 67 10.33 4.62 -8.57
C ALA C 67 11.07 4.81 -9.89
N ARG C 68 11.30 3.72 -10.62
CA ARG C 68 12.02 3.80 -11.88
C ARG C 68 11.21 4.54 -12.94
N LEU C 69 9.89 4.39 -12.92
CA LEU C 69 9.04 5.07 -13.90
C LEU C 69 8.99 6.57 -13.67
N ALA C 70 8.79 6.99 -12.42
CA ALA C 70 8.79 8.41 -12.09
C ALA C 70 10.15 9.04 -12.31
N ALA C 71 11.23 8.33 -11.94
CA ALA C 71 12.57 8.81 -12.25
C ALA C 71 12.75 8.97 -13.75
N ALA C 72 12.35 7.95 -14.51
CA ALA C 72 12.42 8.03 -15.97
C ALA C 72 11.62 9.23 -16.49
N ALA C 73 10.45 9.49 -15.89
CA ALA C 73 9.68 10.65 -16.29
C ALA C 73 10.47 11.93 -16.03
N ALA C 74 11.05 12.05 -14.84
CA ALA C 74 11.84 13.23 -14.50
C ALA C 74 13.02 13.38 -15.46
N VAL C 75 13.64 12.28 -15.85
CA VAL C 75 14.75 12.33 -16.81
C VAL C 75 14.28 12.90 -18.14
N LEU C 76 13.09 12.47 -18.60
CA LEU C 76 12.55 13.01 -19.85
C LEU C 76 12.29 14.51 -19.74
N VAL C 77 11.69 14.94 -18.63
CA VAL C 77 11.36 16.36 -18.51
C VAL C 77 12.62 17.19 -18.44
N ALA C 78 13.59 16.74 -17.63
CA ALA C 78 14.85 17.49 -17.50
C ALA C 78 15.59 17.57 -18.82
N LYS C 79 15.77 16.43 -19.50
CA LYS C 79 16.45 16.44 -20.79
C LYS C 79 15.60 17.08 -21.88
N ARG C 80 14.33 17.37 -21.60
CA ARG C 80 13.37 17.92 -22.55
C ARG C 80 13.30 17.06 -23.82
N GLU C 81 13.22 15.75 -23.61
CA GLU C 81 13.12 14.77 -24.69
C GLU C 81 11.65 14.47 -24.93
N ARG C 82 11.14 14.85 -26.10
CA ARG C 82 9.73 14.68 -26.44
C ARG C 82 9.57 14.05 -27.82
N GLY C 83 10.32 12.99 -28.11
CA GLY C 83 10.30 12.35 -29.38
C GLY C 83 10.15 10.85 -29.21
N LYS C 84 10.77 10.09 -30.11
CA LYS C 84 10.64 8.64 -30.02
C LYS C 84 11.16 8.12 -28.68
N VAL C 85 12.16 8.78 -28.10
CA VAL C 85 12.62 8.35 -26.79
C VAL C 85 11.53 8.56 -25.73
N ALA C 86 10.83 9.70 -25.80
CA ALA C 86 9.72 9.95 -24.89
C ALA C 86 8.58 8.95 -25.13
N LYS C 87 8.25 8.72 -26.40
CA LYS C 87 7.16 7.79 -26.73
C LYS C 87 7.51 6.38 -26.29
N ALA C 88 8.77 5.98 -26.46
CA ALA C 88 9.20 4.64 -26.04
C ALA C 88 8.98 4.44 -24.55
N VAL C 89 9.45 5.38 -23.74
CA VAL C 89 9.31 5.29 -22.29
C VAL C 89 7.83 5.17 -21.90
N ALA C 90 6.96 5.84 -22.64
CA ALA C 90 5.52 5.77 -22.35
C ALA C 90 4.99 4.36 -22.57
N GLU C 91 5.34 3.74 -23.69
CA GLU C 91 4.92 2.37 -23.94
C GLU C 91 5.48 1.42 -22.89
N LEU C 92 6.76 1.59 -22.52
CA LEU C 92 7.32 0.78 -21.47
C LEU C 92 6.57 0.98 -20.15
N ALA C 93 6.17 2.23 -19.88
CA ALA C 93 5.36 2.49 -18.69
C ALA C 93 4.02 1.77 -18.79
N ARG C 94 3.41 1.81 -19.97
CA ARG C 94 2.14 1.11 -20.20
C ARG C 94 2.29 -0.40 -20.01
N LEU C 95 3.43 -0.97 -20.40
CA LEU C 95 3.65 -2.40 -20.21
C LEU C 95 3.89 -2.74 -18.75
N ALA C 96 4.63 -1.91 -18.03
CA ALA C 96 4.82 -2.17 -16.59
C ALA C 96 3.48 -2.25 -15.88
N ARG C 97 2.57 -1.33 -16.22
CA ARG C 97 1.21 -1.37 -15.67
C ARG C 97 0.53 -2.70 -15.98
N LEU C 98 0.58 -3.13 -17.24
CA LEU C 98 0.01 -4.41 -17.63
C LEU C 98 0.63 -5.56 -16.85
N ALA C 99 1.96 -5.56 -16.72
CA ALA C 99 2.63 -6.61 -15.97
C ALA C 99 2.14 -6.65 -14.53
N LEU C 100 2.02 -5.47 -13.90
CA LEU C 100 1.55 -5.42 -12.52
C LEU C 100 0.13 -5.95 -12.38
N GLU C 101 -0.78 -5.51 -13.25
CA GLU C 101 -2.16 -5.98 -13.12
C GLU C 101 -2.23 -7.47 -13.37
N ARG C 102 -1.39 -7.99 -14.22
CA ARG C 102 -1.35 -9.43 -14.41
C ARG C 102 -0.48 -10.17 -13.38
N GLY C 103 0.00 -9.46 -12.37
CA GLY C 103 0.77 -10.11 -11.32
C GLY C 103 2.07 -10.67 -11.80
N ASP C 104 2.76 -9.94 -12.67
CA ASP C 104 4.07 -10.37 -13.11
C ASP C 104 4.99 -9.23 -12.72
N GLU C 105 5.09 -8.99 -11.41
CA GLU C 105 5.84 -7.83 -10.91
C GLU C 105 7.31 -7.92 -11.28
N GLU C 106 7.85 -9.13 -11.35
CA GLU C 106 9.24 -9.30 -11.75
C GLU C 106 9.49 -8.69 -13.12
N THR C 107 8.67 -9.03 -14.11
CA THR C 107 8.78 -8.39 -15.41
C THR C 107 8.58 -6.87 -15.30
N ALA C 108 7.64 -6.45 -14.45
CA ALA C 108 7.42 -5.02 -14.23
C ALA C 108 8.69 -4.33 -13.75
N ARG C 109 9.47 -5.01 -12.90
CA ARG C 109 10.73 -4.46 -12.43
C ARG C 109 11.71 -4.27 -13.58
N LEU C 110 11.93 -5.33 -14.36
CA LEU C 110 12.84 -5.25 -15.51
C LEU C 110 12.40 -4.15 -16.47
N VAL C 111 11.12 -4.11 -16.81
CA VAL C 111 10.63 -3.12 -17.77
C VAL C 111 10.84 -1.71 -17.23
N ALA C 112 10.58 -1.50 -15.95
CA ALA C 112 10.79 -0.19 -15.34
C ALA C 112 12.23 0.27 -15.49
N GLU C 113 13.19 -0.63 -15.24
CA GLU C 113 14.60 -0.31 -15.44
C GLU C 113 14.86 0.06 -16.90
N VAL C 114 14.36 -0.76 -17.83
CA VAL C 114 14.55 -0.48 -19.25
C VAL C 114 14.14 0.94 -19.58
N ALA C 115 12.98 1.37 -19.08
CA ALA C 115 12.50 2.71 -19.36
C ALA C 115 13.48 3.77 -18.88
N LEU C 116 14.06 3.56 -17.69
CA LEU C 116 15.00 4.54 -17.14
C LEU C 116 16.25 4.62 -18.01
N LEU C 117 16.77 3.49 -18.47
CA LEU C 117 17.96 3.51 -19.34
C LEU C 117 17.68 4.24 -20.64
N VAL C 118 16.54 3.93 -21.27
CA VAL C 118 16.21 4.59 -22.53
C VAL C 118 16.12 6.10 -22.32
N ALA C 119 15.59 6.50 -21.16
CA ALA C 119 15.53 7.91 -20.83
C ALA C 119 16.92 8.51 -20.65
N SER C 120 17.79 7.80 -19.92
CA SER C 120 19.12 8.31 -19.62
C SER C 120 19.93 8.53 -20.89
N LYS C 121 20.01 7.49 -21.73
CA LYS C 121 20.86 7.58 -22.91
C LYS C 121 20.24 8.44 -23.99
N GLY C 122 18.91 8.46 -24.08
CA GLY C 122 18.23 9.30 -25.04
C GLY C 122 18.55 8.98 -26.48
N ASP C 123 18.76 7.70 -26.78
CA ASP C 123 19.05 7.25 -28.13
C ASP C 123 17.76 6.93 -28.86
N ASP C 124 17.51 7.59 -29.99
CA ASP C 124 16.34 7.27 -30.80
C ASP C 124 16.45 5.84 -31.32
N GLU C 125 17.65 5.44 -31.74
CA GLU C 125 17.87 4.09 -32.24
C GLU C 125 17.57 3.06 -31.14
N LEU C 126 18.17 3.24 -29.96
CA LEU C 126 17.86 2.37 -28.83
C LEU C 126 16.37 2.39 -28.51
N ALA C 127 15.77 3.59 -28.51
CA ALA C 127 14.34 3.73 -28.21
C ALA C 127 13.49 2.86 -29.13
N GLU C 128 13.82 2.84 -30.42
CA GLU C 128 12.99 2.11 -31.37
C GLU C 128 13.07 0.61 -31.13
N LYS C 129 14.29 0.08 -30.97
CA LYS C 129 14.45 -1.34 -30.66
C LYS C 129 13.71 -1.72 -29.38
N VAL C 130 13.89 -0.93 -28.33
CA VAL C 130 13.22 -1.22 -27.07
C VAL C 130 11.71 -1.18 -27.26
N ALA C 131 11.23 -0.28 -28.12
CA ALA C 131 9.80 -0.19 -28.38
C ALA C 131 9.29 -1.47 -29.04
N GLU C 132 10.10 -2.09 -29.90
CA GLU C 132 9.70 -3.35 -30.54
C GLU C 132 9.58 -4.46 -29.52
N LEU C 133 10.61 -4.64 -28.69
CA LEU C 133 10.59 -5.69 -27.68
C LEU C 133 9.44 -5.49 -26.70
N ALA C 134 9.14 -4.23 -26.35
CA ALA C 134 8.08 -3.96 -25.38
C ALA C 134 6.71 -4.33 -25.93
N ARG C 135 6.42 -4.00 -27.19
CA ARG C 135 5.14 -4.37 -27.78
C ARG C 135 5.01 -5.88 -27.88
N GLU C 136 6.11 -6.55 -28.24
CA GLU C 136 6.13 -8.00 -28.23
C GLU C 136 5.82 -8.55 -26.85
N ALA C 137 6.44 -7.99 -25.82
CA ALA C 137 6.19 -8.43 -24.47
C ALA C 137 4.76 -8.12 -24.06
N ARG C 138 4.26 -6.96 -24.49
CA ARG C 138 2.86 -6.60 -24.24
C ARG C 138 1.92 -7.63 -24.82
N ASP C 139 2.13 -7.98 -26.08
CA ASP C 139 1.33 -8.99 -26.74
C ASP C 139 1.42 -10.32 -26.02
N ALA C 140 2.63 -10.69 -25.57
CA ALA C 140 2.81 -11.92 -24.81
C ALA C 140 1.94 -11.94 -23.55
N LEU C 141 1.98 -10.86 -22.76
CA LEU C 141 1.19 -10.80 -21.54
C LEU C 141 -0.31 -10.87 -21.84
N GLU C 142 -0.77 -10.11 -22.84
CA GLU C 142 -2.20 -10.11 -23.17
C GLU C 142 -2.69 -11.49 -23.56
N ALA C 143 -1.82 -12.35 -24.06
CA ALA C 143 -2.18 -13.72 -24.37
C ALA C 143 -2.03 -14.65 -23.15
N GLY C 144 -1.37 -14.20 -22.10
CA GLY C 144 -1.07 -15.03 -20.95
C GLY C 144 0.30 -15.68 -20.98
N ASP C 145 1.15 -15.31 -21.94
CA ASP C 145 2.49 -15.85 -22.08
C ASP C 145 3.46 -15.02 -21.26
N ARG C 146 3.41 -15.21 -19.94
CA ARG C 146 4.24 -14.41 -19.05
C ARG C 146 5.73 -14.66 -19.24
N GLU C 147 6.13 -15.89 -19.57
CA GLU C 147 7.57 -16.15 -19.63
C GLU C 147 8.24 -15.40 -20.79
N ARG C 148 7.71 -15.53 -22.01
CA ARG C 148 8.32 -14.77 -23.10
C ARG C 148 8.25 -13.29 -22.84
N ALA C 149 7.19 -12.83 -22.17
CA ALA C 149 7.12 -11.45 -21.74
C ALA C 149 8.34 -11.09 -20.90
N ARG C 150 8.69 -11.95 -19.94
CA ARG C 150 9.91 -11.72 -19.15
C ARG C 150 11.14 -11.73 -20.05
N GLU C 151 11.25 -12.71 -20.94
CA GLU C 151 12.41 -12.79 -21.83
C GLU C 151 12.56 -11.54 -22.68
N ALA C 152 11.45 -11.03 -23.22
CA ALA C 152 11.53 -9.84 -24.06
C ALA C 152 11.98 -8.64 -23.23
N ALA C 153 11.54 -8.55 -21.98
CA ALA C 153 12.03 -7.51 -21.08
C ALA C 153 13.51 -7.72 -20.80
N GLU C 154 13.93 -8.98 -20.64
CA GLU C 154 15.34 -9.29 -20.39
C GLU C 154 16.19 -8.91 -21.59
N GLU C 155 15.72 -9.20 -22.80
CA GLU C 155 16.42 -8.77 -24.00
C GLU C 155 16.46 -7.24 -24.08
N ALA C 156 15.34 -6.58 -23.78
CA ALA C 156 15.30 -5.13 -23.77
C ALA C 156 16.29 -4.55 -22.77
N LEU C 157 16.42 -5.19 -21.61
CA LEU C 157 17.40 -4.74 -20.62
C LEU C 157 18.81 -4.92 -21.15
N ARG C 158 19.11 -6.08 -21.74
CA ARG C 158 20.44 -6.32 -22.29
C ARG C 158 20.81 -5.29 -23.34
N VAL C 159 19.88 -5.00 -24.25
CA VAL C 159 20.13 -4.01 -25.29
C VAL C 159 20.27 -2.62 -24.69
N ALA C 160 19.50 -2.33 -23.65
CA ALA C 160 19.56 -1.01 -23.05
C ALA C 160 20.90 -0.77 -22.37
N ARG C 161 21.42 -1.78 -21.66
CA ARG C 161 22.66 -1.59 -20.94
C ARG C 161 23.83 -1.35 -21.89
N GLU C 162 23.98 -2.22 -22.91
CA GLU C 162 25.05 -2.06 -23.90
C GLU C 162 24.63 -1.02 -24.93
N ALA C 163 24.94 0.23 -24.65
CA ALA C 163 24.68 1.34 -25.56
C ALA C 163 25.51 2.53 -25.07
N GLU C 164 25.56 3.58 -25.90
CA GLU C 164 26.19 4.83 -25.50
C GLU C 164 25.99 5.92 -26.55
N GLU D 1 0.68 12.96 -29.81
CA GLU D 1 -0.15 14.13 -29.52
C GLU D 1 -0.06 14.52 -28.04
N VAL D 2 0.09 13.51 -27.18
CA VAL D 2 0.32 13.65 -25.73
C VAL D 2 -0.94 14.10 -25.00
N ILE D 3 -1.68 15.07 -25.56
CA ILE D 3 -2.86 15.59 -24.88
C ILE D 3 -3.89 14.49 -24.68
N GLU D 4 -4.07 13.62 -25.68
CA GLU D 4 -4.96 12.48 -25.51
C GLU D 4 -4.37 11.48 -24.52
N ARG D 5 -3.05 11.34 -24.51
CA ARG D 5 -2.39 10.48 -23.53
C ARG D 5 -2.69 10.93 -22.11
N ALA D 6 -2.56 12.23 -21.84
CA ALA D 6 -2.88 12.72 -20.50
C ALA D 6 -4.36 12.50 -20.18
N ARG D 7 -5.25 12.97 -21.05
CA ARG D 7 -6.68 12.92 -20.77
C ARG D 7 -7.17 11.50 -20.53
N ARG D 8 -6.64 10.52 -21.27
CA ARG D 8 -7.08 9.15 -21.05
C ARG D 8 -6.70 8.68 -19.64
N LEU D 9 -5.49 9.05 -19.18
CA LEU D 9 -5.08 8.70 -17.83
C LEU D 9 -5.95 9.41 -16.79
N LEU D 10 -6.31 10.67 -17.05
CA LEU D 10 -7.19 11.35 -16.11
C LEU D 10 -8.57 10.72 -16.11
N ARG D 11 -9.00 10.20 -17.26
CA ARG D 11 -10.34 9.63 -17.37
C ARG D 11 -10.46 8.37 -16.52
N GLU D 12 -9.43 7.53 -16.53
CA GLU D 12 -9.45 6.34 -15.68
C GLU D 12 -9.40 6.72 -14.20
N LEU D 13 -8.58 7.72 -13.86
CA LEU D 13 -8.44 8.14 -12.47
C LEU D 13 -9.77 8.60 -11.89
N ALA D 14 -10.53 9.40 -12.65
CA ALA D 14 -11.83 9.86 -12.18
C ALA D 14 -12.79 8.69 -11.98
N ASP D 15 -12.80 7.74 -12.92
CA ASP D 15 -13.70 6.59 -12.83
C ASP D 15 -13.42 5.75 -11.59
N LEU D 16 -12.17 5.30 -11.42
CA LEU D 16 -11.85 4.43 -10.29
C LEU D 16 -12.14 5.12 -8.95
N ALA D 17 -11.80 6.40 -8.84
CA ALA D 17 -12.09 7.14 -7.61
C ALA D 17 -13.59 7.23 -7.38
N GLU D 18 -14.34 7.48 -8.46
CA GLU D 18 -15.80 7.53 -8.37
C GLU D 18 -16.37 6.18 -7.93
N GLU D 19 -15.81 5.08 -8.45
CA GLU D 19 -16.27 3.78 -8.04
C GLU D 19 -15.91 3.51 -6.57
N ARG D 20 -14.79 4.08 -6.11
CA ARG D 20 -14.36 3.91 -4.72
C ARG D 20 -15.01 4.90 -3.76
N GLY D 21 -15.72 5.92 -4.23
CA GLY D 21 -16.32 6.89 -3.33
C GLY D 21 -15.43 8.04 -2.91
N ASP D 22 -14.25 8.18 -3.51
CA ASP D 22 -13.30 9.25 -3.16
C ASP D 22 -13.60 10.48 -4.02
N GLU D 23 -14.66 11.20 -3.64
CA GLU D 23 -15.06 12.40 -4.36
C GLU D 23 -13.93 13.42 -4.46
N GLY D 24 -13.00 13.41 -3.52
CA GLY D 24 -11.87 14.32 -3.60
C GLY D 24 -11.00 14.08 -4.83
N VAL D 25 -10.65 12.81 -5.08
CA VAL D 25 -9.76 12.51 -6.20
C VAL D 25 -10.51 12.55 -7.53
N ALA D 26 -11.77 12.11 -7.54
CA ALA D 26 -12.53 12.16 -8.79
C ALA D 26 -12.71 13.59 -9.27
N ALA D 27 -13.09 14.50 -8.37
CA ALA D 27 -13.23 15.90 -8.73
C ALA D 27 -11.92 16.48 -9.24
N ALA D 28 -10.81 16.17 -8.56
CA ALA D 28 -9.51 16.67 -9.00
C ALA D 28 -9.15 16.12 -10.38
N ALA D 29 -9.32 14.82 -10.58
CA ALA D 29 -9.03 14.22 -11.88
C ALA D 29 -9.85 14.88 -12.97
N ARG D 30 -11.13 15.17 -12.70
CA ARG D 30 -11.98 15.76 -13.72
C ARG D 30 -11.55 17.19 -14.04
N GLU D 31 -11.16 17.94 -13.01
CA GLU D 31 -10.78 19.34 -13.20
C GLU D 31 -9.47 19.45 -13.98
N VAL D 32 -8.49 18.62 -13.64
CA VAL D 32 -7.18 18.67 -14.31
C VAL D 32 -7.33 18.35 -15.80
N GLU D 33 -8.07 17.28 -16.13
CA GLU D 33 -8.26 16.91 -17.53
C GLU D 33 -8.83 18.06 -18.33
N ARG D 34 -9.76 18.81 -17.72
CA ARG D 34 -10.32 19.98 -18.37
C ARG D 34 -9.25 21.06 -18.60
N LEU D 35 -8.43 21.36 -17.59
CA LEU D 35 -7.36 22.33 -17.79
C LEU D 35 -6.38 21.90 -18.86
N VAL D 36 -5.98 20.63 -18.84
CA VAL D 36 -5.07 20.12 -19.86
C VAL D 36 -5.67 20.31 -21.25
N ALA D 37 -6.97 20.06 -21.37
CA ALA D 37 -7.66 20.22 -22.66
C ALA D 37 -7.73 21.67 -23.09
N GLU D 38 -8.16 22.55 -22.17
CA GLU D 38 -8.41 23.95 -22.51
C GLU D 38 -7.13 24.68 -22.92
N ARG D 39 -6.04 24.44 -22.20
CA ARG D 39 -4.79 25.13 -22.54
C ARG D 39 -4.13 24.54 -23.78
N GLY D 40 -4.31 23.25 -24.03
CA GLY D 40 -3.70 22.61 -25.18
C GLY D 40 -2.20 22.76 -25.24
N ASP D 41 -1.54 22.47 -24.12
CA ASP D 41 -0.10 22.61 -23.97
C ASP D 41 0.48 21.20 -23.92
N ARG D 42 1.28 20.86 -24.92
CA ARG D 42 1.83 19.52 -25.04
C ARG D 42 2.66 19.16 -23.82
N GLU D 43 3.60 20.04 -23.43
CA GLU D 43 4.46 19.73 -22.30
C GLU D 43 3.65 19.61 -21.01
N LEU D 44 2.69 20.50 -20.80
CA LEU D 44 1.80 20.38 -19.64
C LEU D 44 1.13 19.01 -19.63
N ALA D 45 0.69 18.54 -20.80
CA ALA D 45 0.06 17.23 -20.88
C ALA D 45 1.04 16.13 -20.49
N ALA D 46 2.30 16.26 -20.93
CA ALA D 46 3.32 15.26 -20.61
C ALA D 46 3.50 15.12 -19.10
N VAL D 47 3.66 16.25 -18.40
CA VAL D 47 3.89 16.20 -16.96
C VAL D 47 2.67 15.66 -16.22
N VAL D 48 1.49 16.14 -16.59
CA VAL D 48 0.25 15.65 -15.98
C VAL D 48 0.06 14.16 -16.24
N ALA D 49 0.48 13.70 -17.43
CA ALA D 49 0.36 12.27 -17.74
C ALA D 49 1.15 11.43 -16.75
N ALA D 50 2.39 11.82 -16.47
CA ALA D 50 3.19 11.09 -15.48
C ALA D 50 2.51 11.10 -14.11
N LEU D 51 2.11 12.29 -13.66
CA LEU D 51 1.47 12.42 -12.35
C LEU D 51 0.19 11.60 -12.29
N ALA D 52 -0.63 11.68 -13.33
CA ALA D 52 -1.88 10.93 -13.35
C ALA D 52 -1.63 9.43 -13.35
N ALA D 53 -0.62 8.98 -14.10
CA ALA D 53 -0.28 7.56 -14.12
C ALA D 53 0.19 7.08 -12.74
N ALA D 54 1.08 7.86 -12.12
CA ALA D 54 1.53 7.51 -10.77
C ALA D 54 0.36 7.44 -9.81
N ALA D 55 -0.49 8.48 -9.80
CA ALA D 55 -1.68 8.45 -8.95
C ALA D 55 -2.53 7.24 -9.29
N LEU D 56 -2.73 6.99 -10.58
CA LEU D 56 -3.57 5.88 -11.03
C LEU D 56 -3.05 4.54 -10.54
N LEU D 57 -1.73 4.34 -10.58
CA LEU D 57 -1.16 3.10 -10.07
C LEU D 57 -1.36 2.97 -8.57
N ALA D 58 -1.25 4.10 -7.85
CA ALA D 58 -1.36 4.08 -6.39
C ALA D 58 -2.72 3.59 -5.91
N LEU D 59 -3.82 4.18 -6.42
CA LEU D 59 -5.13 3.81 -5.86
C LEU D 59 -5.53 2.38 -6.22
N GLU D 60 -5.15 1.90 -7.41
CA GLU D 60 -5.37 0.49 -7.71
C GLU D 60 -4.67 -0.40 -6.71
N ARG D 61 -3.50 0.01 -6.24
CA ARG D 61 -2.83 -0.74 -5.19
C ARG D 61 -3.52 -0.57 -3.85
N GLY D 62 -4.12 0.59 -3.61
CA GLY D 62 -4.65 0.93 -2.31
C GLY D 62 -3.83 1.99 -1.59
N ASP D 63 -2.83 2.57 -2.26
CA ASP D 63 -1.88 3.50 -1.66
C ASP D 63 -2.48 4.90 -1.75
N GLU D 64 -3.31 5.23 -0.75
CA GLU D 64 -3.97 6.52 -0.71
C GLU D 64 -2.98 7.68 -0.60
N VAL D 65 -1.87 7.49 0.12
CA VAL D 65 -0.91 8.56 0.31
C VAL D 65 -0.36 9.04 -1.03
N LEU D 66 0.19 8.11 -1.81
CA LEU D 66 0.80 8.50 -3.09
C LEU D 66 -0.26 8.99 -4.07
N ALA D 67 -1.42 8.34 -4.07
CA ALA D 67 -2.50 8.75 -4.96
C ALA D 67 -2.86 10.21 -4.73
N ARG D 68 -3.07 10.61 -3.47
CA ARG D 68 -3.52 11.96 -3.23
C ARG D 68 -2.42 13.00 -3.48
N LEU D 69 -1.15 12.67 -3.18
CA LEU D 69 -0.07 13.60 -3.46
C LEU D 69 0.17 13.75 -4.95
N ALA D 70 0.13 12.64 -5.69
CA ALA D 70 0.26 12.75 -7.15
C ALA D 70 -0.89 13.55 -7.73
N ALA D 71 -2.10 13.33 -7.21
CA ALA D 71 -3.23 14.17 -7.60
C ALA D 71 -2.98 15.63 -7.25
N ALA D 72 -2.53 15.87 -6.01
CA ALA D 72 -2.23 17.24 -5.58
C ALA D 72 -1.18 17.88 -6.46
N ALA D 73 -0.17 17.12 -6.87
CA ALA D 73 0.82 17.64 -7.81
C ALA D 73 0.18 18.00 -9.14
N ALA D 74 -0.64 17.09 -9.70
CA ALA D 74 -1.24 17.32 -11.01
C ALA D 74 -2.11 18.57 -11.03
N VAL D 75 -2.93 18.77 -9.99
CA VAL D 75 -3.76 19.97 -9.95
C VAL D 75 -2.90 21.23 -9.88
N LEU D 76 -1.81 21.17 -9.10
CA LEU D 76 -0.89 22.31 -9.03
C LEU D 76 -0.29 22.62 -10.40
N VAL D 77 0.19 21.60 -11.10
CA VAL D 77 0.82 21.83 -12.40
C VAL D 77 -0.20 22.35 -13.41
N ALA D 78 -1.38 21.74 -13.44
CA ALA D 78 -2.42 22.21 -14.36
C ALA D 78 -2.81 23.64 -14.05
N LYS D 79 -3.08 23.94 -12.78
CA LYS D 79 -3.45 25.29 -12.38
C LYS D 79 -2.26 26.25 -12.49
N ARG D 80 -1.06 25.71 -12.71
CA ARG D 80 0.18 26.47 -12.84
C ARG D 80 0.35 27.42 -11.64
N GLU D 81 0.18 26.84 -10.46
CA GLU D 81 0.32 27.57 -9.20
C GLU D 81 1.75 27.44 -8.69
N ARG D 82 2.46 28.56 -8.63
CA ARG D 82 3.84 28.61 -8.19
C ARG D 82 3.97 29.41 -6.91
N GLY D 83 2.87 29.93 -6.40
CA GLY D 83 2.82 30.77 -5.22
C GLY D 83 2.74 30.06 -3.89
N LYS D 84 2.03 30.69 -2.95
CA LYS D 84 1.95 30.22 -1.56
C LYS D 84 1.34 28.82 -1.45
N VAL D 85 0.32 28.53 -2.26
CA VAL D 85 -0.34 27.23 -2.17
C VAL D 85 0.61 26.12 -2.62
N ALA D 86 1.39 26.37 -3.67
CA ALA D 86 2.36 25.39 -4.13
C ALA D 86 3.34 25.05 -3.01
N LYS D 87 3.80 26.05 -2.26
CA LYS D 87 4.76 25.75 -1.21
C LYS D 87 4.11 24.89 -0.13
N ALA D 88 2.82 25.12 0.16
CA ALA D 88 2.09 24.32 1.13
C ALA D 88 2.10 22.84 0.75
N VAL D 89 1.73 22.53 -0.51
CA VAL D 89 1.75 21.14 -0.97
C VAL D 89 3.14 20.55 -0.86
N ALA D 90 4.17 21.36 -1.13
CA ALA D 90 5.54 20.86 -0.98
C ALA D 90 5.86 20.54 0.47
N GLU D 91 5.46 21.41 1.39
CA GLU D 91 5.68 21.15 2.82
C GLU D 91 4.96 19.89 3.27
N LEU D 92 3.69 19.76 2.87
CA LEU D 92 2.93 18.56 3.23
C LEU D 92 3.56 17.31 2.64
N ALA D 93 4.07 17.40 1.42
CA ALA D 93 4.75 16.27 0.81
C ALA D 93 5.99 15.90 1.60
N ARG D 94 6.78 16.90 1.99
CA ARG D 94 7.99 16.64 2.76
C ARG D 94 7.66 16.01 4.11
N LEU D 95 6.52 16.42 4.71
CA LEU D 95 6.08 15.80 5.96
C LEU D 95 5.58 14.39 5.73
N ALA D 96 4.88 14.15 4.62
CA ALA D 96 4.43 12.80 4.32
C ALA D 96 5.60 11.83 4.20
N ARG D 97 6.68 12.23 3.50
CA ARG D 97 7.83 11.34 3.39
C ARG D 97 8.44 11.07 4.77
N LEU D 98 8.66 12.10 5.58
CA LEU D 98 9.19 11.89 6.93
C LEU D 98 8.28 10.94 7.72
N ALA D 99 6.97 11.15 7.64
CA ALA D 99 6.03 10.29 8.34
C ALA D 99 6.21 8.84 7.91
N LEU D 100 6.38 8.61 6.60
CA LEU D 100 6.60 7.27 6.10
C LEU D 100 7.88 6.67 6.68
N GLU D 101 8.97 7.45 6.68
CA GLU D 101 10.24 6.96 7.19
C GLU D 101 10.19 6.66 8.70
N ARG D 102 9.44 7.47 9.45
CA ARG D 102 9.33 7.28 10.89
C ARG D 102 8.27 6.26 11.29
N GLY D 103 7.68 5.55 10.32
CA GLY D 103 6.68 4.56 10.63
C GLY D 103 5.38 5.17 11.15
N ASP D 104 4.94 6.24 10.53
CA ASP D 104 3.71 6.94 10.92
C ASP D 104 2.75 6.98 9.74
N GLU D 105 2.17 5.82 9.41
CA GLU D 105 1.28 5.71 8.26
C GLU D 105 0.05 6.60 8.41
N GLU D 106 -0.48 6.72 9.63
CA GLU D 106 -1.67 7.54 9.87
C GLU D 106 -1.45 8.99 9.49
N THR D 107 -0.42 9.61 10.07
CA THR D 107 -0.14 11.02 9.78
C THR D 107 0.11 11.23 8.30
N ALA D 108 0.84 10.32 7.66
CA ALA D 108 1.10 10.46 6.24
C ALA D 108 -0.20 10.46 5.43
N ARG D 109 -1.14 9.57 5.79
CA ARG D 109 -2.43 9.53 5.09
C ARG D 109 -3.24 10.80 5.33
N LEU D 110 -3.39 11.20 6.59
CA LEU D 110 -4.10 12.44 6.89
C LEU D 110 -3.47 13.61 6.14
N VAL D 111 -2.14 13.69 6.17
CA VAL D 111 -1.40 14.75 5.51
C VAL D 111 -1.62 14.68 4.00
N ALA D 112 -1.72 13.46 3.45
CA ALA D 112 -1.96 13.31 2.03
C ALA D 112 -3.26 13.97 1.60
N GLU D 113 -4.34 13.75 2.37
CA GLU D 113 -5.61 14.41 2.08
C GLU D 113 -5.48 15.92 2.19
N VAL D 114 -4.85 16.40 3.26
CA VAL D 114 -4.67 17.84 3.45
C VAL D 114 -4.08 18.46 2.18
N ALA D 115 -3.04 17.83 1.64
CA ALA D 115 -2.40 18.35 0.43
C ALA D 115 -3.39 18.44 -0.74
N LEU D 116 -4.26 17.44 -0.88
CA LEU D 116 -5.23 17.46 -1.97
C LEU D 116 -6.22 18.61 -1.81
N LEU D 117 -6.75 18.80 -0.60
CA LEU D 117 -7.68 19.91 -0.39
C LEU D 117 -6.99 21.25 -0.58
N VAL D 118 -5.80 21.41 -0.02
CA VAL D 118 -5.07 22.68 -0.12
C VAL D 118 -4.79 23.03 -1.58
N ALA D 119 -4.43 22.03 -2.39
CA ALA D 119 -4.16 22.28 -3.79
C ALA D 119 -5.41 22.69 -4.56
N SER D 120 -6.50 21.92 -4.41
CA SER D 120 -7.72 22.22 -5.15
C SER D 120 -8.31 23.57 -4.77
N LYS D 121 -8.45 23.84 -3.47
CA LYS D 121 -9.15 25.04 -3.05
C LYS D 121 -8.37 26.30 -3.40
N GLY D 122 -7.04 26.21 -3.40
CA GLY D 122 -6.22 27.34 -3.81
C GLY D 122 -6.39 28.56 -2.94
N ASP D 123 -6.58 28.37 -1.64
CA ASP D 123 -6.72 29.49 -0.71
C ASP D 123 -5.32 29.90 -0.25
N ASP D 124 -4.97 31.16 -0.52
CA ASP D 124 -3.66 31.67 -0.14
C ASP D 124 -3.47 31.71 1.38
N GLU D 125 -4.50 32.16 2.11
CA GLU D 125 -4.42 32.16 3.56
C GLU D 125 -4.30 30.75 4.11
N LEU D 126 -5.17 29.85 3.66
CA LEU D 126 -5.14 28.47 4.12
C LEU D 126 -3.76 27.85 3.96
N ALA D 127 -3.09 28.16 2.85
CA ALA D 127 -1.81 27.53 2.55
C ALA D 127 -0.81 27.66 3.69
N GLU D 128 -0.60 28.89 4.18
CA GLU D 128 0.42 29.09 5.19
C GLU D 128 -0.04 28.57 6.55
N LYS D 129 -1.33 28.74 6.88
CA LYS D 129 -1.84 28.18 8.13
C LYS D 129 -1.55 26.68 8.20
N VAL D 130 -1.87 25.95 7.13
CA VAL D 130 -1.52 24.53 7.06
C VAL D 130 0.00 24.37 7.01
N ALA D 131 0.69 25.32 6.38
CA ALA D 131 2.14 25.24 6.21
C ALA D 131 2.87 25.29 7.55
N GLU D 132 2.41 26.15 8.46
CA GLU D 132 3.03 26.23 9.78
C GLU D 132 2.81 24.94 10.55
N LEU D 133 1.58 24.42 10.49
CA LEU D 133 1.24 23.18 11.17
C LEU D 133 2.07 22.00 10.67
N ALA D 134 2.35 21.97 9.36
CA ALA D 134 3.13 20.86 8.81
C ALA D 134 4.55 20.88 9.34
N ARG D 135 5.15 22.07 9.44
CA ARG D 135 6.51 22.20 9.94
C ARG D 135 6.59 21.81 11.41
N GLU D 136 5.64 22.28 12.22
CA GLU D 136 5.58 21.89 13.62
C GLU D 136 5.45 20.37 13.74
N ALA D 137 4.62 19.77 12.88
CA ALA D 137 4.50 18.32 12.86
C ALA D 137 5.80 17.66 12.42
N ARG D 138 6.50 18.27 11.44
CA ARG D 138 7.77 17.70 10.98
C ARG D 138 8.81 17.68 12.08
N ASP D 139 9.02 18.81 12.77
CA ASP D 139 9.93 18.84 13.91
C ASP D 139 9.48 17.88 15.01
N ALA D 140 8.17 17.80 15.24
CA ALA D 140 7.67 16.84 16.22
C ALA D 140 8.13 15.43 15.88
N LEU D 141 7.99 15.04 14.62
CA LEU D 141 8.47 13.73 14.18
C LEU D 141 9.99 13.62 14.34
N GLU D 142 10.72 14.66 13.93
CA GLU D 142 12.18 14.61 14.02
C GLU D 142 12.67 14.41 15.44
N ALA D 143 11.90 14.86 16.43
CA ALA D 143 12.24 14.66 17.83
C ALA D 143 11.73 13.34 18.38
N GLY D 144 10.82 12.67 17.69
CA GLY D 144 10.19 11.47 18.20
C GLY D 144 8.88 11.72 18.90
N ASP D 145 8.33 12.93 18.83
CA ASP D 145 7.06 13.27 19.46
C ASP D 145 5.96 12.91 18.48
N ARG D 146 5.71 11.60 18.36
CA ARG D 146 4.70 11.11 17.43
C ARG D 146 3.32 11.61 17.79
N GLU D 147 3.03 11.74 19.09
CA GLU D 147 1.69 12.15 19.52
C GLU D 147 1.37 13.56 19.05
N ARG D 148 2.24 14.52 19.37
CA ARG D 148 2.00 15.89 18.93
C ARG D 148 2.01 16.02 17.42
N ALA D 149 2.88 15.24 16.76
CA ALA D 149 2.91 15.24 15.29
C ALA D 149 1.55 14.86 14.72
N ARG D 150 0.94 13.82 15.26
CA ARG D 150 -0.39 13.42 14.81
C ARG D 150 -1.39 14.56 15.04
N GLU D 151 -1.36 15.15 16.23
CA GLU D 151 -2.30 16.23 16.55
C GLU D 151 -2.18 17.38 15.58
N ALA D 152 -0.94 17.77 15.23
CA ALA D 152 -0.75 18.87 14.30
C ALA D 152 -1.27 18.53 12.90
N ALA D 153 -1.09 17.29 12.47
CA ALA D 153 -1.63 16.88 11.17
C ALA D 153 -3.16 16.87 11.19
N GLU D 154 -3.76 16.33 12.26
CA GLU D 154 -5.21 16.34 12.37
C GLU D 154 -5.77 17.76 12.48
N GLU D 155 -5.06 18.64 13.21
CA GLU D 155 -5.45 20.04 13.26
C GLU D 155 -5.42 20.66 11.87
N ALA D 156 -4.35 20.41 11.11
CA ALA D 156 -4.27 20.92 9.74
C ALA D 156 -5.40 20.36 8.89
N LEU D 157 -5.77 19.10 9.11
CA LEU D 157 -6.85 18.50 8.33
C LEU D 157 -8.18 19.20 8.59
N ARG D 158 -8.53 19.45 9.85
CA ARG D 158 -9.79 20.16 10.11
C ARG D 158 -9.76 21.56 9.49
N VAL D 159 -8.63 22.26 9.58
CA VAL D 159 -8.56 23.57 8.97
C VAL D 159 -8.69 23.45 7.45
N ALA D 160 -8.14 22.38 6.87
CA ALA D 160 -8.27 22.14 5.43
C ALA D 160 -9.69 21.77 5.05
N ARG D 161 -10.32 20.93 5.87
CA ARG D 161 -11.70 20.54 5.65
C ARG D 161 -12.60 21.77 5.62
N GLU D 162 -12.34 22.69 6.54
CA GLU D 162 -13.06 23.91 6.71
C GLU D 162 -12.70 24.87 5.58
N ALA D 163 -13.61 25.80 5.30
CA ALA D 163 -13.42 26.83 4.28
C ALA D 163 -13.48 26.24 2.88
N GLU D 164 -14.68 25.92 2.42
CA GLU D 164 -14.89 25.29 1.13
C GLU D 164 -15.21 26.31 0.04
#